data_2F1V
#
_entry.id   2F1V
#
_cell.length_a   118.666
_cell.length_b   118.776
_cell.length_c   118.519
_cell.angle_alpha   90.00
_cell.angle_beta   90.00
_cell.angle_gamma   90.00
#
_symmetry.space_group_name_H-M   'P 21 21 21'
#
loop_
_entity.id
_entity.type
_entity.pdbx_description
1 polymer 'Outer membrane protein W'
2 non-polymer GLYCEROL
#
_entity_poly.entity_id   1
_entity_poly.type   'polypeptide(L)'
_entity_poly.pdbx_seq_one_letter_code
;HEAGEFFMRAGSATVRPTEGAGGTLGSLGGFSVTNNTQLGLTFTYMATDNIGVELLAATPFRHKIGTRATGDIATVHHLP
PTLMAQWYFGDASSKFRPYVGAGINYTTFFDNGFNDHGKEAGLSDLSLKDSWGAAGQVGVDYLINRDWLVNMSVWYMDID
TTANYKLGGAQQHDSVRLDPWVFMFSAGYRFHHHHHH
;
_entity_poly.pdbx_strand_id   A,B,C,D,E,F
#
loop_
_chem_comp.id
_chem_comp.type
_chem_comp.name
_chem_comp.formula
GOL non-polymer GLYCEROL 'C3 H8 O3'
#
# COMPACT_ATOMS: atom_id res chain seq x y z
N GLU A 2 3.17 3.59 -38.90
CA GLU A 2 3.49 4.11 -37.53
C GLU A 2 3.22 3.05 -36.46
N ALA A 3 2.35 2.10 -36.74
CA ALA A 3 2.10 1.01 -35.80
C ALA A 3 3.45 0.34 -35.49
N GLY A 4 3.76 0.13 -34.22
CA GLY A 4 5.03 -0.50 -33.86
C GLY A 4 6.15 0.49 -33.65
N GLU A 5 5.89 1.75 -33.99
CA GLU A 5 6.87 2.80 -33.82
C GLU A 5 7.01 3.30 -32.37
N PHE A 6 8.22 3.73 -32.07
CA PHE A 6 8.57 4.29 -30.77
C PHE A 6 9.32 5.61 -31.04
N PHE A 7 8.88 6.70 -30.43
CA PHE A 7 9.58 7.96 -30.63
C PHE A 7 9.75 8.70 -29.31
N MET A 8 10.86 9.41 -29.19
CA MET A 8 11.15 10.15 -27.98
C MET A 8 11.16 11.65 -28.24
N ARG A 9 10.55 12.41 -27.35
CA ARG A 9 10.56 13.86 -27.49
C ARG A 9 11.40 14.44 -26.36
N ALA A 10 12.17 15.48 -26.66
CA ALA A 10 12.97 16.15 -25.63
C ALA A 10 12.72 17.64 -25.80
N GLY A 11 12.45 18.32 -24.69
CA GLY A 11 12.19 19.74 -24.77
C GLY A 11 11.80 20.33 -23.44
N SER A 12 11.30 21.55 -23.46
CA SER A 12 10.90 22.22 -22.25
C SER A 12 9.45 21.93 -21.87
N ALA A 13 9.27 21.65 -20.59
CA ALA A 13 7.95 21.39 -20.04
C ALA A 13 7.80 22.45 -18.97
N THR A 14 6.71 23.23 -19.03
CA THR A 14 6.48 24.28 -18.05
C THR A 14 5.17 24.01 -17.29
N VAL A 15 5.28 23.97 -15.96
CA VAL A 15 4.14 23.72 -15.06
C VAL A 15 3.59 25.04 -14.55
N ARG A 16 2.29 25.25 -14.74
CA ARG A 16 1.63 26.47 -14.28
C ARG A 16 0.50 26.08 -13.34
N PRO A 17 0.81 26.02 -12.04
CA PRO A 17 -0.18 25.66 -11.03
C PRO A 17 -1.43 26.55 -11.03
N THR A 18 -2.56 25.90 -10.83
CA THR A 18 -3.85 26.56 -10.81
C THR A 18 -4.29 26.87 -9.39
N GLU A 19 -5.03 27.96 -9.24
CA GLU A 19 -5.54 28.41 -7.95
C GLU A 19 -6.46 27.37 -7.33
N GLY A 29 -4.05 35.38 3.41
CA GLY A 29 -4.46 36.24 2.31
C GLY A 29 -4.38 35.55 0.96
N GLY A 30 -3.21 35.65 0.33
CA GLY A 30 -3.04 35.02 -0.97
C GLY A 30 -2.03 33.89 -0.96
N PHE A 31 -2.45 32.71 -1.41
CA PHE A 31 -1.58 31.55 -1.47
C PHE A 31 -1.12 31.35 -2.92
N SER A 32 -0.05 32.04 -3.30
CA SER A 32 0.48 31.95 -4.66
C SER A 32 1.58 30.89 -4.79
N VAL A 33 1.76 30.41 -6.01
CA VAL A 33 2.76 29.39 -6.34
C VAL A 33 3.31 29.65 -7.72
N THR A 34 4.60 29.96 -7.81
CA THR A 34 5.23 30.25 -9.09
C THR A 34 5.24 29.14 -10.14
N ASN A 35 5.41 29.54 -11.39
CA ASN A 35 5.49 28.59 -12.49
C ASN A 35 6.96 28.20 -12.58
N ASN A 36 7.22 27.01 -13.09
CA ASN A 36 8.57 26.53 -13.23
C ASN A 36 8.65 25.69 -14.48
N THR A 37 9.75 25.83 -15.19
CA THR A 37 9.99 25.14 -16.43
C THR A 37 11.21 24.23 -16.28
N GLN A 38 11.07 22.96 -16.65
CA GLN A 38 12.15 21.98 -16.56
C GLN A 38 12.30 21.15 -17.82
N LEU A 39 13.25 20.22 -17.81
CA LEU A 39 13.46 19.34 -18.97
C LEU A 39 12.30 18.37 -19.09
N GLY A 40 11.73 18.30 -20.28
CA GLY A 40 10.62 17.39 -20.50
C GLY A 40 11.01 16.28 -21.45
N LEU A 41 10.61 15.06 -21.12
CA LEU A 41 10.92 13.90 -21.97
C LEU A 41 9.69 12.98 -22.04
N THR A 42 9.31 12.60 -23.25
CA THR A 42 8.18 11.70 -23.39
C THR A 42 8.62 10.50 -24.24
N PHE A 43 8.19 9.32 -23.85
CA PHE A 43 8.51 8.06 -24.57
C PHE A 43 7.16 7.52 -25.01
N THR A 44 6.98 7.30 -26.31
CA THR A 44 5.69 6.85 -26.80
C THR A 44 5.75 5.68 -27.77
N TYR A 45 4.74 4.83 -27.71
CA TYR A 45 4.66 3.69 -28.60
C TYR A 45 3.31 3.63 -29.32
N MET A 46 3.32 3.23 -30.58
CA MET A 46 2.07 3.13 -31.36
C MET A 46 1.38 1.77 -31.26
N ALA A 47 0.24 1.74 -30.58
CA ALA A 47 -0.50 0.51 -30.48
C ALA A 47 -0.84 0.23 -31.94
N THR A 48 -1.43 1.22 -32.60
CA THR A 48 -1.83 1.08 -33.99
C THR A 48 -1.33 2.30 -34.72
N ASP A 49 -1.94 2.65 -35.86
CA ASP A 49 -1.50 3.83 -36.58
C ASP A 49 -2.08 5.09 -35.93
N ASN A 50 -2.98 4.92 -34.96
CA ASN A 50 -3.58 6.08 -34.32
C ASN A 50 -3.54 6.02 -32.78
N ILE A 51 -3.53 4.82 -32.21
CA ILE A 51 -3.51 4.70 -30.76
C ILE A 51 -2.10 4.65 -30.23
N GLY A 52 -1.78 5.57 -29.31
CA GLY A 52 -0.45 5.61 -28.74
C GLY A 52 -0.43 5.48 -27.22
N VAL A 53 0.71 5.01 -26.73
CA VAL A 53 0.96 4.83 -25.31
C VAL A 53 2.17 5.71 -25.00
N GLU A 54 1.97 6.64 -24.07
CA GLU A 54 3.01 7.60 -23.73
C GLU A 54 3.26 7.85 -22.24
N LEU A 55 4.55 7.99 -21.90
CA LEU A 55 4.98 8.28 -20.55
C LEU A 55 5.70 9.62 -20.58
N LEU A 56 5.31 10.55 -19.71
CA LEU A 56 5.98 11.84 -19.64
C LEU A 56 6.94 11.85 -18.44
N ALA A 57 8.17 12.27 -18.66
CA ALA A 57 9.14 12.31 -17.58
C ALA A 57 9.78 13.68 -17.53
N ALA A 58 10.18 14.10 -16.34
CA ALA A 58 10.82 15.39 -16.19
C ALA A 58 11.84 15.44 -15.06
N THR A 59 12.76 16.39 -15.15
CA THR A 59 13.75 16.61 -14.11
C THR A 59 12.88 17.19 -12.98
N PRO A 60 13.38 17.22 -11.73
CA PRO A 60 12.45 17.79 -10.72
C PRO A 60 12.10 19.27 -10.82
N PHE A 61 10.83 19.59 -10.66
CA PHE A 61 10.37 20.98 -10.69
C PHE A 61 10.58 21.65 -9.33
N ARG A 62 10.76 22.97 -9.35
CA ARG A 62 10.96 23.77 -8.13
C ARG A 62 10.01 24.99 -8.12
N HIS A 63 9.17 25.08 -7.10
CA HIS A 63 8.21 26.19 -6.99
C HIS A 63 8.39 26.97 -5.67
N LYS A 64 8.05 28.26 -5.70
CA LYS A 64 8.12 29.08 -4.49
C LYS A 64 6.70 29.35 -4.05
N ILE A 65 6.46 29.32 -2.75
CA ILE A 65 5.13 29.58 -2.23
C ILE A 65 5.19 30.87 -1.42
N GLY A 66 4.05 31.54 -1.30
CA GLY A 66 4.05 32.77 -0.54
C GLY A 66 2.77 33.55 -0.61
N THR A 67 2.78 34.74 -0.01
CA THR A 67 1.64 35.63 0.04
C THR A 67 2.10 37.06 -0.29
N ARG A 68 1.14 37.99 -0.42
CA ARG A 68 1.42 39.38 -0.78
C ARG A 68 2.42 40.12 0.10
N ALA A 69 2.10 40.24 1.39
CA ALA A 69 2.98 40.94 2.33
C ALA A 69 4.39 40.35 2.29
N THR A 70 4.56 39.27 3.06
CA THR A 70 5.82 38.55 3.20
C THR A 70 6.58 38.15 1.92
N GLY A 71 5.85 37.62 0.95
CA GLY A 71 6.50 37.19 -0.27
C GLY A 71 6.80 35.70 -0.12
N ASP A 72 7.91 35.24 -0.68
CA ASP A 72 8.26 33.83 -0.58
C ASP A 72 8.49 33.39 0.87
N ILE A 73 8.06 32.17 1.19
CA ILE A 73 8.23 31.64 2.52
C ILE A 73 8.67 30.19 2.49
N ALA A 74 8.75 29.61 1.29
CA ALA A 74 9.15 28.21 1.15
C ALA A 74 9.30 27.80 -0.29
N THR A 75 10.03 26.72 -0.52
CA THR A 75 10.24 26.19 -1.85
C THR A 75 9.90 24.71 -1.85
N VAL A 76 9.30 24.26 -2.96
CA VAL A 76 8.88 22.87 -3.12
C VAL A 76 9.29 22.30 -4.47
N HIS A 77 9.60 21.00 -4.47
CA HIS A 77 9.97 20.29 -5.68
C HIS A 77 9.08 19.06 -5.82
N HIS A 78 8.94 18.57 -7.05
CA HIS A 78 8.14 17.36 -7.29
C HIS A 78 8.46 16.74 -8.64
N LEU A 79 8.09 15.47 -8.78
CA LEU A 79 8.23 14.75 -10.04
C LEU A 79 6.78 14.40 -10.38
N PRO A 80 6.33 14.77 -11.58
CA PRO A 80 4.96 14.49 -11.99
C PRO A 80 4.84 13.43 -13.09
N PRO A 81 5.57 12.31 -12.97
CA PRO A 81 5.47 11.27 -14.01
C PRO A 81 4.02 10.99 -14.43
N THR A 82 3.78 10.93 -15.73
CA THR A 82 2.42 10.70 -16.21
C THR A 82 2.36 9.64 -17.28
N LEU A 83 1.31 8.81 -17.21
CA LEU A 83 1.13 7.71 -18.16
C LEU A 83 -0.12 7.99 -18.97
N MET A 84 0.00 7.93 -20.29
CA MET A 84 -1.13 8.24 -21.16
C MET A 84 -1.48 7.29 -22.32
N ALA A 85 -2.78 7.27 -22.62
CA ALA A 85 -3.36 6.52 -23.74
C ALA A 85 -3.72 7.67 -24.70
N GLN A 86 -3.28 7.58 -25.95
CA GLN A 86 -3.51 8.68 -26.89
C GLN A 86 -4.21 8.33 -28.18
N TRP A 87 -4.63 9.37 -28.90
CA TRP A 87 -5.25 9.20 -30.20
C TRP A 87 -4.73 10.27 -31.16
N TYR A 88 -3.99 9.83 -32.17
CA TYR A 88 -3.40 10.71 -33.18
C TYR A 88 -4.28 10.81 -34.41
N PHE A 89 -4.63 12.03 -34.79
CA PHE A 89 -5.50 12.24 -35.96
C PHE A 89 -4.77 12.05 -37.29
N GLY A 90 -5.53 12.03 -38.38
CA GLY A 90 -4.95 11.83 -39.70
C GLY A 90 -4.56 10.38 -39.82
N ASP A 91 -3.49 10.08 -40.54
CA ASP A 91 -3.05 8.70 -40.66
C ASP A 91 -1.53 8.59 -40.57
N ALA A 92 -1.01 7.39 -40.84
CA ALA A 92 0.44 7.15 -40.75
C ALA A 92 1.29 8.00 -41.70
N SER A 93 0.68 8.54 -42.74
CA SER A 93 1.42 9.34 -43.71
C SER A 93 1.24 10.84 -43.50
N SER A 94 0.36 11.22 -42.57
CA SER A 94 0.12 12.65 -42.28
C SER A 94 1.41 13.28 -41.73
N LYS A 95 1.75 14.46 -42.21
CA LYS A 95 2.96 15.14 -41.74
C LYS A 95 2.56 15.98 -40.56
N PHE A 96 1.26 16.17 -40.42
CA PHE A 96 0.71 17.01 -39.38
C PHE A 96 -0.32 16.23 -38.57
N ARG A 97 0.04 15.83 -37.34
CA ARG A 97 -0.88 15.03 -36.55
C ARG A 97 -1.21 15.51 -35.15
N PRO A 98 -2.33 16.24 -34.99
CA PRO A 98 -2.67 16.70 -33.63
C PRO A 98 -3.10 15.44 -32.89
N TYR A 99 -3.17 15.51 -31.56
CA TYR A 99 -3.57 14.34 -30.81
C TYR A 99 -4.19 14.68 -29.46
N VAL A 100 -4.86 13.72 -28.86
CA VAL A 100 -5.49 13.92 -27.56
C VAL A 100 -5.18 12.72 -26.71
N GLY A 101 -5.07 12.92 -25.39
CA GLY A 101 -4.78 11.80 -24.53
C GLY A 101 -5.44 11.98 -23.18
N ALA A 102 -5.59 10.87 -22.48
CA ALA A 102 -6.20 10.85 -21.14
C ALA A 102 -5.37 9.83 -20.37
N GLY A 103 -5.17 10.07 -19.07
CA GLY A 103 -4.37 9.13 -18.32
C GLY A 103 -4.33 9.37 -16.83
N ILE A 104 -3.29 8.84 -16.21
CA ILE A 104 -3.12 8.95 -14.76
C ILE A 104 -1.79 9.60 -14.45
N ASN A 105 -1.81 10.49 -13.47
CA ASN A 105 -0.60 11.16 -13.04
C ASN A 105 -0.24 10.83 -11.59
N TYR A 106 1.06 10.77 -11.32
CA TYR A 106 1.54 10.54 -9.96
C TYR A 106 2.62 11.58 -9.70
N THR A 107 2.43 12.33 -8.62
CA THR A 107 3.35 13.39 -8.25
C THR A 107 3.90 13.27 -6.82
N THR A 108 5.23 13.32 -6.69
CA THR A 108 5.84 13.25 -5.38
C THR A 108 6.61 14.51 -5.08
N PHE A 109 6.37 15.07 -3.91
CA PHE A 109 7.07 16.29 -3.50
C PHE A 109 8.24 15.95 -2.62
N PHE A 110 9.35 16.63 -2.84
CA PHE A 110 10.52 16.40 -2.00
C PHE A 110 11.41 17.64 -2.02
N ASP A 111 12.25 17.73 -1.01
CA ASP A 111 13.14 18.87 -0.82
C ASP A 111 12.28 20.11 -0.65
N ASN A 112 11.47 20.08 0.39
CA ASN A 112 10.57 21.17 0.72
C ASN A 112 11.02 21.81 2.02
N GLY A 113 11.18 23.12 2.02
CA GLY A 113 11.60 23.79 3.22
C GLY A 113 11.18 25.24 3.19
N PHE A 114 10.97 25.81 4.37
CA PHE A 114 10.61 27.22 4.46
C PHE A 114 11.93 28.01 4.43
N ASN A 115 11.88 29.24 3.92
CA ASN A 115 13.07 30.11 3.86
C ASN A 115 13.28 30.83 5.21
N ASP A 116 14.22 31.77 5.24
CA ASP A 116 14.47 32.51 6.48
C ASP A 116 13.19 33.21 6.92
N HIS A 117 12.47 33.75 5.94
CA HIS A 117 11.22 34.45 6.23
C HIS A 117 10.18 33.50 6.82
N GLY A 118 10.07 32.30 6.27
CA GLY A 118 9.13 31.34 6.81
C GLY A 118 9.50 31.00 8.25
N LYS A 119 10.78 30.78 8.49
CA LYS A 119 11.24 30.48 9.84
C LYS A 119 10.99 31.66 10.77
N GLU A 120 11.29 32.88 10.30
CA GLU A 120 11.09 34.05 11.13
C GLU A 120 9.64 34.14 11.57
N ALA A 121 8.75 33.56 10.78
CA ALA A 121 7.32 33.57 11.10
C ALA A 121 6.92 32.36 11.99
N GLY A 122 7.87 31.48 12.26
CA GLY A 122 7.58 30.32 13.10
C GLY A 122 7.30 29.02 12.36
N LEU A 123 7.65 28.97 11.08
CA LEU A 123 7.41 27.78 10.25
C LEU A 123 8.60 26.81 10.17
N SER A 124 8.28 25.53 10.22
CA SER A 124 9.26 24.45 10.15
C SER A 124 8.59 23.12 9.83
N ASP A 125 9.42 22.09 9.65
CA ASP A 125 8.97 20.72 9.37
C ASP A 125 7.93 20.67 8.26
N LEU A 126 8.31 21.07 7.05
CA LEU A 126 7.39 21.08 5.91
C LEU A 126 7.55 19.87 5.01
N SER A 127 6.42 19.40 4.49
CA SER A 127 6.40 18.26 3.57
C SER A 127 4.99 18.10 3.05
N LEU A 128 4.87 17.58 1.83
CA LEU A 128 3.57 17.39 1.19
C LEU A 128 3.45 15.92 0.88
N LYS A 129 2.25 15.37 1.00
CA LYS A 129 2.07 13.95 0.73
C LYS A 129 1.81 13.73 -0.76
N ASP A 130 2.18 12.54 -1.23
CA ASP A 130 2.03 12.17 -2.63
C ASP A 130 0.60 12.31 -3.14
N SER A 131 0.46 12.34 -4.46
CA SER A 131 -0.82 12.53 -5.10
C SER A 131 -1.00 11.75 -6.41
N TRP A 132 -2.22 11.26 -6.65
CA TRP A 132 -2.58 10.54 -7.88
C TRP A 132 -3.75 11.28 -8.50
N GLY A 133 -3.89 11.28 -9.82
CA GLY A 133 -5.02 12.01 -10.39
C GLY A 133 -5.18 11.91 -11.89
N ALA A 134 -6.37 12.24 -12.38
CA ALA A 134 -6.68 12.21 -13.80
C ALA A 134 -5.75 13.20 -14.55
N ALA A 135 -5.57 12.97 -15.84
CA ALA A 135 -4.75 13.84 -16.64
C ALA A 135 -5.29 13.82 -18.06
N GLY A 136 -5.27 14.99 -18.71
CA GLY A 136 -5.74 15.08 -20.08
C GLY A 136 -4.66 15.79 -20.89
N GLN A 137 -4.67 15.61 -22.20
CA GLN A 137 -3.67 16.27 -23.04
C GLN A 137 -4.14 16.45 -24.47
N VAL A 138 -3.66 17.52 -25.10
CA VAL A 138 -3.95 17.77 -26.48
C VAL A 138 -2.63 18.29 -27.00
N GLY A 139 -2.21 17.83 -28.16
CA GLY A 139 -0.94 18.29 -28.67
C GLY A 139 -0.81 18.15 -30.16
N VAL A 140 0.36 18.50 -30.66
CA VAL A 140 0.59 18.40 -32.08
C VAL A 140 2.02 17.96 -32.41
N ASP A 141 2.10 17.03 -33.34
CA ASP A 141 3.37 16.56 -33.82
C ASP A 141 3.41 16.90 -35.28
N TYR A 142 4.54 17.46 -35.70
CA TYR A 142 4.72 17.78 -37.10
C TYR A 142 5.85 16.84 -37.51
N LEU A 143 5.52 15.83 -38.30
CA LEU A 143 6.49 14.84 -38.75
C LEU A 143 7.28 15.29 -39.98
N ILE A 144 8.49 15.79 -39.73
CA ILE A 144 9.37 16.29 -40.78
C ILE A 144 9.91 15.20 -41.72
N ASN A 145 10.45 14.13 -41.13
CA ASN A 145 11.03 13.02 -41.90
C ASN A 145 10.59 11.74 -41.24
N ARG A 146 11.17 10.65 -41.71
CA ARG A 146 10.90 9.35 -41.13
C ARG A 146 11.73 9.32 -39.84
N ASP A 147 12.50 10.37 -39.61
CA ASP A 147 13.35 10.44 -38.44
C ASP A 147 13.03 11.51 -37.38
N TRP A 148 12.67 12.71 -37.82
CA TRP A 148 12.43 13.81 -36.87
C TRP A 148 11.06 14.44 -36.87
N LEU A 149 10.80 15.18 -35.78
CA LEU A 149 9.54 15.90 -35.64
C LEU A 149 9.69 17.00 -34.60
N VAL A 150 8.78 17.97 -34.64
CA VAL A 150 8.76 19.07 -33.66
C VAL A 150 7.41 18.88 -32.99
N ASN A 151 7.28 19.30 -31.74
CA ASN A 151 6.04 19.07 -31.00
C ASN A 151 5.58 20.19 -30.06
N MET A 152 4.26 20.26 -29.85
CA MET A 152 3.62 21.22 -28.94
C MET A 152 2.74 20.33 -28.09
N SER A 153 2.47 20.73 -26.86
CA SER A 153 1.64 19.92 -25.98
C SER A 153 1.09 20.70 -24.80
N VAL A 154 -0.19 20.51 -24.52
CA VAL A 154 -0.87 21.18 -23.40
C VAL A 154 -1.43 20.10 -22.53
N TRP A 155 -1.00 20.07 -21.27
CA TRP A 155 -1.49 19.06 -20.34
C TRP A 155 -2.26 19.65 -19.15
N TYR A 156 -3.28 18.93 -18.72
CA TYR A 156 -4.03 19.33 -17.55
C TYR A 156 -3.86 18.17 -16.57
N MET A 157 -3.67 18.48 -15.29
CA MET A 157 -3.47 17.41 -14.31
C MET A 157 -4.10 17.66 -12.95
N ASP A 158 -4.77 16.62 -12.44
CA ASP A 158 -5.42 16.66 -11.13
C ASP A 158 -4.40 16.42 -10.05
N ILE A 159 -3.89 17.47 -9.43
CA ILE A 159 -2.92 17.27 -8.37
C ILE A 159 -3.33 17.92 -7.05
N ASP A 160 -4.00 17.13 -6.22
CA ASP A 160 -4.46 17.57 -4.91
C ASP A 160 -3.62 16.92 -3.82
N THR A 161 -3.18 17.73 -2.87
CA THR A 161 -2.36 17.22 -1.78
C THR A 161 -2.69 17.98 -0.50
N THR A 162 -1.90 17.73 0.54
CA THR A 162 -2.06 18.41 1.79
C THR A 162 -0.65 18.71 2.34
N ALA A 163 -0.42 19.97 2.72
CA ALA A 163 0.88 20.36 3.24
C ALA A 163 0.92 20.17 4.74
N ASN A 164 2.03 19.62 5.23
CA ASN A 164 2.21 19.38 6.65
C ASN A 164 3.43 20.12 7.15
N TYR A 165 3.26 20.85 8.24
CA TYR A 165 4.32 21.66 8.82
C TYR A 165 3.87 22.19 10.20
N LYS A 166 4.79 22.74 10.97
CA LYS A 166 4.38 23.29 12.26
C LYS A 166 4.44 24.83 12.22
N LEU A 167 3.53 25.48 12.93
CA LEU A 167 3.51 26.94 13.00
C LEU A 167 3.83 27.23 14.46
N GLY A 168 5.12 27.41 14.76
CA GLY A 168 5.55 27.66 16.12
C GLY A 168 5.10 26.53 17.01
N GLY A 169 4.01 25.88 16.63
CA GLY A 169 3.46 24.79 17.42
C GLY A 169 3.39 23.44 16.75
N ALA A 170 2.36 23.20 15.95
CA ALA A 170 2.17 21.93 15.25
C ALA A 170 1.06 21.99 14.19
N GLN A 171 0.63 23.21 13.85
CA GLN A 171 -0.43 23.37 12.85
C GLN A 171 0.15 22.81 11.56
N GLN A 172 0.07 21.50 11.43
CA GLN A 172 0.64 20.83 10.27
C GLN A 172 -0.29 20.30 9.21
N HIS A 173 -1.42 20.96 8.95
CA HIS A 173 -2.29 20.39 7.92
C HIS A 173 -3.13 21.36 7.11
N ASP A 174 -2.81 21.48 5.83
CA ASP A 174 -3.55 22.32 4.90
C ASP A 174 -3.64 21.60 3.55
N SER A 175 -4.71 21.86 2.82
CA SER A 175 -4.91 21.26 1.51
C SER A 175 -4.37 22.13 0.38
N VAL A 176 -3.44 21.58 -0.39
CA VAL A 176 -2.85 22.30 -1.52
C VAL A 176 -3.40 21.73 -2.81
N ARG A 177 -3.85 22.63 -3.69
CA ARG A 177 -4.38 22.25 -4.97
C ARG A 177 -3.58 22.94 -6.05
N LEU A 178 -2.77 22.18 -6.76
CA LEU A 178 -1.98 22.73 -7.85
C LEU A 178 -2.82 22.75 -9.13
N ASP A 179 -3.45 21.62 -9.45
CA ASP A 179 -4.27 21.50 -10.67
C ASP A 179 -3.70 22.36 -11.77
N PRO A 180 -2.44 22.12 -12.13
CA PRO A 180 -1.71 22.87 -13.15
C PRO A 180 -1.90 22.45 -14.61
N TRP A 181 -1.59 23.38 -15.49
CA TRP A 181 -1.62 23.10 -16.92
C TRP A 181 -0.13 22.93 -17.18
N VAL A 182 0.27 22.03 -18.08
CA VAL A 182 1.69 21.90 -18.37
C VAL A 182 1.89 22.20 -19.83
N PHE A 183 2.84 23.06 -20.14
CA PHE A 183 3.10 23.42 -21.53
C PHE A 183 4.45 22.89 -22.01
N MET A 184 4.43 22.09 -23.07
CA MET A 184 5.65 21.50 -23.60
C MET A 184 5.95 21.75 -25.07
N PHE A 185 7.21 22.10 -25.31
CA PHE A 185 7.75 22.38 -26.66
C PHE A 185 8.96 21.46 -26.81
N SER A 186 9.02 20.72 -27.90
CA SER A 186 10.12 19.80 -28.05
C SER A 186 10.40 19.37 -29.47
N ALA A 187 11.44 18.56 -29.61
CA ALA A 187 11.85 17.99 -30.86
C ALA A 187 11.81 16.52 -30.50
N GLY A 188 11.49 15.66 -31.46
CA GLY A 188 11.45 14.25 -31.16
C GLY A 188 12.12 13.40 -32.22
N TYR A 189 12.58 12.24 -31.83
CA TYR A 189 13.26 11.34 -32.75
C TYR A 189 12.42 10.07 -32.88
N ARG A 190 12.43 9.50 -34.06
CA ARG A 190 11.65 8.30 -34.30
C ARG A 190 12.50 7.04 -34.46
N PHE A 191 12.00 5.91 -33.94
CA PHE A 191 12.70 4.64 -34.04
C PHE A 191 11.69 3.65 -34.62
N HIS A 192 12.00 3.13 -35.81
CA HIS A 192 11.10 2.21 -36.50
C HIS A 192 11.51 0.75 -36.38
N GLU B 2 8.52 -15.04 -26.78
CA GLU B 2 8.88 -13.98 -25.80
C GLU B 2 10.29 -13.47 -26.00
N ALA B 3 11.16 -14.30 -26.58
CA ALA B 3 12.53 -13.90 -26.87
C ALA B 3 12.46 -12.61 -27.72
N GLY B 4 13.22 -11.59 -27.33
CA GLY B 4 13.20 -10.36 -28.10
C GLY B 4 12.17 -9.36 -27.59
N GLU B 5 11.31 -9.85 -26.70
CA GLU B 5 10.28 -9.02 -26.11
C GLU B 5 10.77 -8.03 -25.03
N PHE B 6 10.10 -6.89 -24.98
CA PHE B 6 10.36 -5.83 -24.00
C PHE B 6 9.01 -5.45 -23.38
N PHE B 7 8.92 -5.49 -22.07
CA PHE B 7 7.68 -5.10 -21.42
C PHE B 7 7.94 -4.18 -20.23
N MET B 8 7.02 -3.26 -20.00
CA MET B 8 7.16 -2.30 -18.90
C MET B 8 6.06 -2.51 -17.87
N ARG B 9 6.44 -2.49 -16.60
CA ARG B 9 5.46 -2.63 -15.53
C ARG B 9 5.38 -1.31 -14.78
N ALA B 10 4.17 -0.93 -14.39
CA ALA B 10 3.99 0.30 -13.63
C ALA B 10 3.10 -0.03 -12.45
N GLY B 11 3.50 0.40 -11.27
CA GLY B 11 2.70 0.12 -10.09
C GLY B 11 3.34 0.63 -8.80
N SER B 12 2.85 0.13 -7.67
CA SER B 12 3.37 0.52 -6.39
C SER B 12 4.49 -0.37 -5.91
N ALA B 13 5.53 0.27 -5.43
CA ALA B 13 6.69 -0.42 -4.90
C ALA B 13 6.76 0.08 -3.45
N THR B 14 6.80 -0.85 -2.50
CA THR B 14 6.87 -0.48 -1.09
C THR B 14 8.14 -1.06 -0.47
N VAL B 15 8.94 -0.18 0.13
CA VAL B 15 10.20 -0.51 0.78
C VAL B 15 9.97 -0.69 2.28
N ARG B 16 10.38 -1.85 2.80
CA ARG B 16 10.23 -2.14 4.21
C ARG B 16 11.61 -2.43 4.79
N PRO B 17 12.28 -1.40 5.30
CA PRO B 17 13.61 -1.54 5.89
C PRO B 17 13.67 -2.54 7.03
N THR B 18 14.74 -3.32 7.02
CA THR B 18 15.00 -4.36 8.01
C THR B 18 15.90 -3.85 9.12
N GLU B 19 15.68 -4.39 10.32
CA GLU B 19 16.44 -4.01 11.49
C GLU B 19 17.92 -4.33 11.32
N GLY B 29 18.36 3.78 22.22
CA GLY B 29 17.35 2.78 22.48
C GLY B 29 16.91 2.06 21.23
N GLY B 30 15.89 2.58 20.56
CA GLY B 30 15.39 1.96 19.36
C GLY B 30 15.59 2.81 18.12
N PHE B 31 16.24 2.24 17.11
CA PHE B 31 16.50 2.95 15.87
C PHE B 31 15.51 2.44 14.82
N SER B 32 14.32 3.04 14.78
CA SER B 32 13.29 2.63 13.82
C SER B 32 13.30 3.46 12.53
N VAL B 33 12.77 2.86 11.47
CA VAL B 33 12.70 3.51 10.16
C VAL B 33 11.42 3.09 9.47
N THR B 34 10.53 4.05 9.23
CA THR B 34 9.25 3.75 8.58
C THR B 34 9.29 3.17 7.16
N ASN B 35 8.21 2.51 6.78
CA ASN B 35 8.08 1.95 5.46
C ASN B 35 7.54 3.07 4.58
N ASN B 36 7.84 3.01 3.30
CA ASN B 36 7.37 4.01 2.37
C ASN B 36 7.08 3.33 1.04
N THR B 37 6.01 3.80 0.40
CA THR B 37 5.56 3.25 -0.85
C THR B 37 5.61 4.33 -1.93
N GLN B 38 6.25 4.04 -3.06
CA GLN B 38 6.35 5.00 -4.17
C GLN B 38 6.02 4.35 -5.51
N LEU B 39 6.07 5.14 -6.57
CA LEU B 39 5.83 4.64 -7.93
C LEU B 39 6.97 3.71 -8.34
N GLY B 40 6.59 2.51 -8.78
CA GLY B 40 7.56 1.53 -9.22
C GLY B 40 7.46 1.32 -10.71
N LEU B 41 8.61 1.24 -11.37
CA LEU B 41 8.66 1.02 -12.82
C LEU B 41 9.77 0.04 -13.13
N THR B 42 9.47 -0.97 -13.94
CA THR B 42 10.50 -1.92 -14.32
C THR B 42 10.50 -2.06 -15.84
N PHE B 43 11.68 -2.11 -16.44
CA PHE B 43 11.86 -2.25 -17.87
C PHE B 43 12.58 -3.58 -18.03
N THR B 44 12.00 -4.49 -18.82
CA THR B 44 12.63 -5.80 -18.97
C THR B 44 12.73 -6.29 -20.39
N TYR B 45 13.80 -7.02 -20.68
CA TYR B 45 14.00 -7.58 -22.01
C TYR B 45 14.28 -9.09 -21.95
N MET B 46 13.73 -9.83 -22.92
CA MET B 46 13.95 -11.28 -22.95
C MET B 46 15.19 -11.72 -23.72
N ALA B 47 16.20 -12.21 -23.00
CA ALA B 47 17.40 -12.71 -23.65
C ALA B 47 16.84 -13.86 -24.49
N THR B 48 16.15 -14.78 -23.82
CA THR B 48 15.57 -15.93 -24.50
C THR B 48 14.11 -16.02 -24.07
N ASP B 49 13.50 -17.20 -24.18
CA ASP B 49 12.11 -17.35 -23.76
C ASP B 49 12.02 -17.49 -22.25
N ASN B 50 13.15 -17.60 -21.58
CA ASN B 50 13.13 -17.71 -20.12
C ASN B 50 14.09 -16.74 -19.40
N ILE B 51 15.19 -16.33 -20.06
CA ILE B 51 16.15 -15.41 -19.42
C ILE B 51 15.80 -13.97 -19.70
N GLY B 52 15.65 -13.20 -18.62
CA GLY B 52 15.29 -11.80 -18.75
C GLY B 52 16.27 -10.86 -18.09
N VAL B 53 16.29 -9.64 -18.62
CA VAL B 53 17.15 -8.57 -18.13
C VAL B 53 16.20 -7.45 -17.72
N GLU B 54 16.31 -7.07 -16.45
CA GLU B 54 15.40 -6.08 -15.89
C GLU B 54 16.03 -4.98 -15.04
N LEU B 55 15.49 -3.77 -15.20
CA LEU B 55 15.93 -2.61 -14.42
C LEU B 55 14.71 -2.11 -13.64
N LEU B 56 14.87 -1.92 -12.34
CA LEU B 56 13.77 -1.39 -11.50
C LEU B 56 14.05 0.09 -11.25
N ALA B 57 13.02 0.92 -11.45
CA ALA B 57 13.17 2.34 -11.23
C ALA B 57 12.04 2.85 -10.36
N ALA B 58 12.31 3.88 -9.56
CA ALA B 58 11.29 4.43 -8.69
C ALA B 58 11.47 5.92 -8.45
N THR B 59 10.38 6.56 -8.05
CA THR B 59 10.37 7.98 -7.71
C THR B 59 11.14 7.95 -6.39
N PRO B 60 11.62 9.10 -5.88
CA PRO B 60 12.34 8.95 -4.61
C PRO B 60 11.54 8.55 -3.37
N PHE B 61 12.10 7.64 -2.57
CA PHE B 61 11.43 7.21 -1.35
C PHE B 61 11.75 8.17 -0.19
N ARG B 62 10.85 8.25 0.77
CA ARG B 62 11.01 9.12 1.93
C ARG B 62 10.74 8.32 3.22
N HIS B 63 11.71 8.28 4.12
CA HIS B 63 11.57 7.56 5.40
C HIS B 63 11.80 8.46 6.61
N LYS B 64 11.16 8.13 7.73
CA LYS B 64 11.35 8.89 8.97
C LYS B 64 12.14 8.01 9.91
N ILE B 65 13.10 8.61 10.60
CA ILE B 65 13.91 7.89 11.55
C ILE B 65 13.56 8.36 12.96
N GLY B 66 13.80 7.52 13.96
CA GLY B 66 13.47 7.93 15.31
C GLY B 66 13.61 6.83 16.34
N THR B 67 13.24 7.18 17.57
CA THR B 67 13.29 6.27 18.71
C THR B 67 11.99 6.37 19.49
N ARG B 68 11.82 5.51 20.50
CA ARG B 68 10.59 5.46 21.31
C ARG B 68 10.18 6.77 21.99
N ALA B 69 11.04 7.27 22.86
CA ALA B 69 10.75 8.53 23.57
C ALA B 69 10.40 9.64 22.59
N THR B 70 11.44 10.28 22.07
CA THR B 70 11.34 11.39 21.12
C THR B 70 10.44 11.23 19.90
N GLY B 71 10.53 10.08 19.23
CA GLY B 71 9.72 9.88 18.05
C GLY B 71 10.58 10.26 16.86
N ASP B 72 9.97 10.83 15.83
CA ASP B 72 10.74 11.21 14.64
C ASP B 72 11.77 12.29 14.94
N ILE B 73 12.94 12.17 14.30
CA ILE B 73 14.00 13.16 14.49
C ILE B 73 14.65 13.55 13.18
N ALA B 74 14.24 12.91 12.08
CA ALA B 74 14.82 13.19 10.77
C ALA B 74 14.10 12.44 9.67
N THR B 75 14.31 12.91 8.45
CA THR B 75 13.70 12.26 7.30
C THR B 75 14.77 12.05 6.23
N VAL B 76 14.68 10.91 5.56
CA VAL B 76 15.63 10.52 4.53
C VAL B 76 14.96 10.05 3.24
N HIS B 77 15.59 10.36 2.11
CA HIS B 77 15.12 9.96 0.80
C HIS B 77 16.25 9.21 0.07
N HIS B 78 15.89 8.38 -0.90
CA HIS B 78 16.86 7.64 -1.70
C HIS B 78 16.26 7.08 -2.96
N LEU B 79 17.12 6.77 -3.92
CA LEU B 79 16.73 6.13 -5.15
C LEU B 79 17.48 4.79 -5.09
N PRO B 80 16.73 3.68 -5.23
CA PRO B 80 17.33 2.36 -5.19
C PRO B 80 17.36 1.62 -6.56
N PRO B 81 17.78 2.31 -7.64
CA PRO B 81 17.82 1.65 -8.94
C PRO B 81 18.45 0.27 -8.84
N THR B 82 17.83 -0.73 -9.48
CA THR B 82 18.36 -2.07 -9.42
C THR B 82 18.41 -2.75 -10.77
N LEU B 83 19.49 -3.50 -11.01
CA LEU B 83 19.68 -4.18 -12.28
C LEU B 83 19.61 -5.67 -12.06
N MET B 84 18.78 -6.37 -12.83
CA MET B 84 18.60 -7.82 -12.63
C MET B 84 18.67 -8.76 -13.83
N ALA B 85 19.13 -9.98 -13.55
CA ALA B 85 19.20 -11.06 -14.50
C ALA B 85 18.08 -11.98 -13.97
N GLN B 86 17.16 -12.39 -14.83
CA GLN B 86 16.05 -13.20 -14.36
C GLN B 86 15.82 -14.53 -15.04
N TRP B 87 14.97 -15.34 -14.43
CA TRP B 87 14.58 -16.62 -14.99
C TRP B 87 13.07 -16.82 -14.81
N TYR B 88 12.34 -16.84 -15.95
CA TYR B 88 10.89 -17.03 -15.97
C TYR B 88 10.52 -18.48 -16.19
N PHE B 89 9.70 -19.04 -15.31
CA PHE B 89 9.31 -20.44 -15.44
C PHE B 89 8.25 -20.66 -16.51
N GLY B 90 7.96 -21.92 -16.81
CA GLY B 90 6.98 -22.25 -17.84
C GLY B 90 7.63 -21.96 -19.17
N ASP B 91 6.84 -21.55 -20.15
CA ASP B 91 7.39 -21.23 -21.47
C ASP B 91 6.74 -19.97 -22.06
N ALA B 92 7.05 -19.67 -23.30
CA ALA B 92 6.54 -18.46 -23.96
C ALA B 92 5.04 -18.40 -24.07
N SER B 93 4.37 -19.53 -23.97
CA SER B 93 2.91 -19.57 -24.07
C SER B 93 2.21 -19.63 -22.72
N SER B 94 2.96 -19.78 -21.64
CA SER B 94 2.39 -19.84 -20.30
C SER B 94 1.70 -18.51 -19.97
N LYS B 95 0.50 -18.57 -19.43
CA LYS B 95 -0.23 -17.36 -19.07
C LYS B 95 0.16 -17.00 -17.66
N PHE B 96 0.79 -17.94 -16.99
CA PHE B 96 1.18 -17.77 -15.61
C PHE B 96 2.67 -18.08 -15.45
N ARG B 97 3.49 -17.03 -15.28
CA ARG B 97 4.92 -17.25 -15.15
C ARG B 97 5.65 -16.69 -13.95
N PRO B 98 5.82 -17.50 -12.90
CA PRO B 98 6.55 -16.97 -11.75
C PRO B 98 8.01 -16.80 -12.20
N TYR B 99 8.81 -16.05 -11.45
CA TYR B 99 10.19 -15.87 -11.85
C TYR B 99 11.12 -15.57 -10.68
N VAL B 100 12.41 -15.71 -10.91
CA VAL B 100 13.41 -15.41 -9.87
C VAL B 100 14.52 -14.58 -10.50
N GLY B 101 15.12 -13.69 -9.71
CA GLY B 101 16.19 -12.88 -10.23
C GLY B 101 17.22 -12.61 -9.18
N ALA B 102 18.43 -12.25 -9.63
CA ALA B 102 19.57 -11.92 -8.76
C ALA B 102 20.24 -10.77 -9.47
N GLY B 103 20.80 -9.84 -8.71
CA GLY B 103 21.45 -8.71 -9.35
C GLY B 103 22.16 -7.78 -8.42
N ILE B 104 22.39 -6.55 -8.89
CA ILE B 104 23.08 -5.53 -8.12
C ILE B 104 22.20 -4.32 -7.91
N ASN B 105 22.27 -3.76 -6.72
CA ASN B 105 21.51 -2.55 -6.40
C ASN B 105 22.42 -1.38 -6.08
N TYR B 106 21.96 -0.19 -6.41
CA TYR B 106 22.70 1.02 -6.08
C TYR B 106 21.69 2.00 -5.50
N THR B 107 21.99 2.48 -4.30
CA THR B 107 21.10 3.39 -3.61
C THR B 107 21.77 4.69 -3.18
N THR B 108 21.15 5.83 -3.53
CA THR B 108 21.70 7.12 -3.13
C THR B 108 20.71 7.89 -2.27
N PHE B 109 21.20 8.38 -1.15
CA PHE B 109 20.37 9.12 -0.22
C PHE B 109 20.54 10.60 -0.47
N PHE B 110 19.43 11.34 -0.40
CA PHE B 110 19.47 12.78 -0.60
C PHE B 110 18.26 13.42 0.05
N ASP B 111 18.41 14.72 0.32
CA ASP B 111 17.38 15.48 0.99
C ASP B 111 17.15 14.87 2.37
N ASN B 112 18.22 14.84 3.17
CA ASN B 112 18.18 14.29 4.52
C ASN B 112 18.38 15.43 5.54
N GLY B 113 17.48 15.52 6.50
CA GLY B 113 17.59 16.55 7.49
C GLY B 113 16.87 16.15 8.75
N PHE B 114 17.34 16.68 9.88
CA PHE B 114 16.71 16.37 11.16
C PHE B 114 15.55 17.37 11.30
N ASN B 115 14.51 16.97 12.03
CA ASN B 115 13.36 17.84 12.27
C ASN B 115 13.61 18.81 13.44
N ASP B 116 12.58 19.54 13.87
CA ASP B 116 12.77 20.47 14.98
C ASP B 116 13.24 19.69 16.20
N HIS B 117 12.66 18.50 16.40
CA HIS B 117 13.02 17.67 17.52
C HIS B 117 14.49 17.23 17.45
N GLY B 118 14.95 16.86 16.25
CA GLY B 118 16.34 16.48 16.11
C GLY B 118 17.25 17.66 16.46
N LYS B 119 16.90 18.83 15.95
CA LYS B 119 17.68 20.02 16.23
C LYS B 119 17.64 20.35 17.71
N GLU B 120 16.46 20.25 18.34
CA GLU B 120 16.34 20.56 19.76
C GLU B 120 17.28 19.67 20.57
N ALA B 121 17.61 18.51 20.01
CA ALA B 121 18.50 17.57 20.68
C ALA B 121 19.98 17.84 20.31
N GLY B 122 20.22 18.80 19.43
CA GLY B 122 21.57 19.13 19.06
C GLY B 122 22.06 18.51 17.76
N LEU B 123 21.15 18.01 16.94
CA LEU B 123 21.50 17.37 15.68
C LEU B 123 21.45 18.28 14.46
N SER B 124 22.44 18.10 13.58
CA SER B 124 22.56 18.88 12.35
C SER B 124 23.51 18.18 11.38
N ASP B 125 23.66 18.78 10.19
CA ASP B 125 24.55 18.29 9.13
C ASP B 125 24.41 16.79 8.90
N LEU B 126 23.24 16.35 8.46
CA LEU B 126 22.99 14.92 8.22
C LEU B 126 23.10 14.56 6.75
N SER B 127 23.62 13.36 6.49
CA SER B 127 23.78 12.84 5.15
C SER B 127 24.26 11.40 5.26
N LEU B 128 23.89 10.58 4.28
CA LEU B 128 24.27 9.18 4.25
C LEU B 128 25.06 8.95 2.98
N LYS B 129 26.06 8.07 3.02
CA LYS B 129 26.86 7.82 1.84
C LYS B 129 26.22 6.73 1.00
N ASP B 130 26.51 6.76 -0.30
CA ASP B 130 25.96 5.82 -1.24
C ASP B 130 26.27 4.38 -0.89
N SER B 131 25.51 3.45 -1.49
CA SER B 131 25.65 2.03 -1.20
C SER B 131 25.40 1.14 -2.42
N TRP B 132 26.15 0.03 -2.50
CA TRP B 132 26.03 -0.97 -3.57
C TRP B 132 25.79 -2.31 -2.86
N GLY B 133 25.07 -3.24 -3.50
CA GLY B 133 24.83 -4.50 -2.82
C GLY B 133 24.05 -5.52 -3.60
N ALA B 134 24.14 -6.79 -3.17
CA ALA B 134 23.44 -7.90 -3.81
C ALA B 134 21.92 -7.65 -3.72
N ALA B 135 21.17 -8.28 -4.64
CA ALA B 135 19.73 -8.15 -4.66
C ALA B 135 19.15 -9.43 -5.20
N GLY B 136 18.04 -9.85 -4.61
CA GLY B 136 17.36 -11.06 -5.08
C GLY B 136 15.88 -10.73 -5.29
N GLN B 137 15.20 -11.54 -6.12
CA GLN B 137 13.80 -11.29 -6.37
C GLN B 137 13.04 -12.53 -6.77
N VAL B 138 11.78 -12.57 -6.41
CA VAL B 138 10.90 -13.65 -6.82
C VAL B 138 9.61 -12.93 -7.13
N GLY B 139 9.01 -13.26 -8.27
CA GLY B 139 7.78 -12.59 -8.63
C GLY B 139 6.87 -13.40 -9.51
N VAL B 140 5.76 -12.80 -9.90
CA VAL B 140 4.84 -13.47 -10.77
C VAL B 140 4.22 -12.53 -11.77
N ASP B 141 4.18 -13.00 -13.01
CA ASP B 141 3.55 -12.28 -14.07
C ASP B 141 2.42 -13.16 -14.57
N TYR B 142 1.25 -12.55 -14.73
CA TYR B 142 0.10 -13.27 -15.26
C TYR B 142 -0.15 -12.59 -16.58
N LEU B 143 0.17 -13.30 -17.66
CA LEU B 143 0.03 -12.76 -19.01
C LEU B 143 -1.39 -12.88 -19.56
N ILE B 144 -2.15 -11.79 -19.46
CA ILE B 144 -3.54 -11.75 -19.93
C ILE B 144 -3.71 -11.84 -21.46
N ASN B 145 -2.96 -11.03 -22.19
CA ASN B 145 -3.03 -11.00 -23.64
C ASN B 145 -1.63 -10.89 -24.16
N ARG B 146 -1.53 -10.67 -25.48
CA ARG B 146 -0.23 -10.48 -26.11
C ARG B 146 0.16 -9.04 -25.76
N ASP B 147 -0.72 -8.34 -25.09
CA ASP B 147 -0.48 -6.95 -24.74
C ASP B 147 -0.34 -6.59 -23.25
N TRP B 148 -1.15 -7.20 -22.40
CA TRP B 148 -1.14 -6.86 -20.98
C TRP B 148 -0.86 -7.96 -19.99
N LEU B 149 -0.51 -7.54 -18.79
CA LEU B 149 -0.25 -8.47 -17.69
C LEU B 149 -0.38 -7.75 -16.35
N VAL B 150 -0.55 -8.54 -15.29
CA VAL B 150 -0.61 -8.02 -13.93
C VAL B 150 0.59 -8.67 -13.24
N ASN B 151 1.18 -8.00 -12.26
CA ASN B 151 2.37 -8.52 -11.62
C ASN B 151 2.49 -8.36 -10.09
N MET B 152 3.22 -9.27 -9.47
CA MET B 152 3.52 -9.26 -8.03
C MET B 152 5.02 -9.42 -7.99
N SER B 153 5.65 -8.91 -6.94
CA SER B 153 7.09 -9.01 -6.85
C SER B 153 7.59 -8.75 -5.42
N VAL B 154 8.52 -9.59 -4.98
CA VAL B 154 9.13 -9.45 -3.66
C VAL B 154 10.62 -9.32 -3.87
N TRP B 155 11.19 -8.21 -3.42
CA TRP B 155 12.64 -8.00 -3.57
C TRP B 155 13.38 -7.91 -2.25
N TYR B 156 14.59 -8.44 -2.22
CA TYR B 156 15.44 -8.34 -1.05
C TYR B 156 16.68 -7.55 -1.51
N MET B 157 17.17 -6.64 -0.69
CA MET B 157 18.32 -5.86 -1.11
C MET B 157 19.34 -5.52 -0.01
N ASP B 158 20.60 -5.72 -0.32
CA ASP B 158 21.69 -5.43 0.60
C ASP B 158 22.00 -3.95 0.60
N ILE B 159 21.47 -3.20 1.56
CA ILE B 159 21.75 -1.79 1.60
C ILE B 159 22.36 -1.31 2.92
N ASP B 160 23.69 -1.33 2.95
CA ASP B 160 24.45 -0.91 4.13
C ASP B 160 25.10 0.45 3.86
N THR B 161 24.97 1.35 4.83
CA THR B 161 25.54 2.67 4.69
C THR B 161 26.00 3.16 6.07
N THR B 162 26.39 4.44 6.12
CA THR B 162 26.81 5.04 7.36
C THR B 162 26.27 6.47 7.35
N ALA B 163 25.62 6.85 8.46
CA ALA B 163 25.03 8.18 8.58
C ALA B 163 26.05 9.14 9.16
N ASN B 164 26.12 10.33 8.60
CA ASN B 164 27.07 11.32 9.08
C ASN B 164 26.31 12.57 9.48
N TYR B 165 26.62 13.09 10.67
CA TYR B 165 25.95 14.26 11.22
C TYR B 165 26.69 14.72 12.48
N LYS B 166 26.35 15.89 13.01
CA LYS B 166 26.99 16.33 14.23
C LYS B 166 25.99 16.29 15.38
N LEU B 167 26.48 16.01 16.58
CA LEU B 167 25.64 15.97 17.78
C LEU B 167 26.19 17.09 18.62
N GLY B 168 25.62 18.28 18.47
CA GLY B 168 26.08 19.44 19.22
C GLY B 168 27.55 19.69 18.93
N GLY B 169 28.27 18.61 18.60
CA GLY B 169 29.69 18.70 18.35
C GLY B 169 30.14 18.30 16.96
N ALA B 170 30.33 16.98 16.74
CA ALA B 170 30.78 16.44 15.46
C ALA B 170 30.64 14.92 15.35
N GLN B 171 29.89 14.33 16.29
CA GLN B 171 29.71 12.87 16.28
C GLN B 171 28.98 12.58 14.98
N GLN B 172 29.75 12.48 13.89
CA GLN B 172 29.16 12.25 12.58
C GLN B 172 29.32 10.89 11.96
N HIS B 173 29.30 9.82 12.74
CA HIS B 173 29.45 8.52 12.10
C HIS B 173 28.78 7.31 12.75
N ASP B 174 27.76 6.79 12.08
CA ASP B 174 27.05 5.59 12.53
C ASP B 174 26.71 4.74 11.32
N SER B 175 26.65 3.43 11.52
CA SER B 175 26.31 2.50 10.45
C SER B 175 24.81 2.20 10.37
N VAL B 176 24.23 2.49 9.22
CA VAL B 176 22.81 2.25 8.99
C VAL B 176 22.64 1.04 8.09
N ARG B 177 21.78 0.13 8.51
CA ARG B 177 21.50 -1.07 7.75
C ARG B 177 20.01 -1.12 7.47
N LEU B 178 19.65 -0.89 6.21
CA LEU B 178 18.24 -0.94 5.82
C LEU B 178 17.87 -2.36 5.49
N ASP B 179 18.69 -3.03 4.67
CA ASP B 179 18.43 -4.42 4.24
C ASP B 179 16.93 -4.66 4.15
N PRO B 180 16.23 -3.88 3.34
CA PRO B 180 14.79 -3.94 3.14
C PRO B 180 14.25 -4.97 2.16
N TRP B 181 12.99 -5.30 2.33
CA TRP B 181 12.31 -6.18 1.40
C TRP B 181 11.51 -5.15 0.60
N VAL B 182 11.34 -5.35 -0.71
CA VAL B 182 10.51 -4.40 -1.46
C VAL B 182 9.32 -5.14 -2.03
N PHE B 183 8.13 -4.59 -1.86
CA PHE B 183 6.93 -5.27 -2.36
C PHE B 183 6.32 -4.46 -3.48
N MET B 184 6.14 -5.10 -4.64
CA MET B 184 5.58 -4.43 -5.79
C MET B 184 4.37 -5.10 -6.44
N PHE B 185 3.38 -4.26 -6.75
CA PHE B 185 2.13 -4.65 -7.42
C PHE B 185 2.01 -3.76 -8.63
N SER B 186 1.76 -4.34 -9.79
CA SER B 186 1.69 -3.54 -10.99
C SER B 186 0.94 -4.17 -12.12
N ALA B 187 0.86 -3.40 -13.20
CA ALA B 187 0.23 -3.82 -14.44
C ALA B 187 1.39 -3.55 -15.39
N GLY B 188 1.49 -4.37 -16.44
CA GLY B 188 2.56 -4.19 -17.39
C GLY B 188 2.09 -4.26 -18.83
N TYR B 189 2.81 -3.57 -19.70
CA TYR B 189 2.48 -3.58 -21.12
C TYR B 189 3.59 -4.28 -21.89
N ARG B 190 3.24 -4.97 -22.95
CA ARG B 190 4.21 -5.69 -23.74
C ARG B 190 4.48 -5.06 -25.11
N PHE B 191 5.74 -5.11 -25.54
CA PHE B 191 6.13 -4.57 -26.84
C PHE B 191 6.88 -5.69 -27.56
N HIS B 192 6.32 -6.15 -28.67
CA HIS B 192 6.91 -7.24 -29.45
C HIS B 192 7.66 -6.78 -30.67
N GLU C 2 3.19 -33.74 2.20
CA GLU C 2 2.31 -32.55 2.35
C GLU C 2 0.84 -32.93 2.46
N ALA C 3 0.48 -34.10 1.92
CA ALA C 3 -0.89 -34.59 2.04
C ALA C 3 -1.24 -34.62 3.54
N GLY C 4 -2.39 -34.06 3.91
CA GLY C 4 -2.78 -34.07 5.31
C GLY C 4 -2.31 -32.84 6.06
N GLU C 5 -1.47 -32.05 5.41
CA GLU C 5 -0.95 -30.84 6.00
C GLU C 5 -1.94 -29.66 5.98
N PHE C 6 -1.80 -28.82 7.00
CA PHE C 6 -2.60 -27.61 7.16
C PHE C 6 -1.62 -26.47 7.45
N PHE C 7 -1.71 -25.38 6.70
CA PHE C 7 -0.82 -24.27 6.97
C PHE C 7 -1.58 -22.95 6.90
N MET C 8 -1.16 -22.00 7.73
CA MET C 8 -1.81 -20.70 7.78
C MET C 8 -0.86 -19.60 7.31
N ARG C 9 -1.37 -18.69 6.49
CA ARG C 9 -0.56 -17.57 6.04
C ARG C 9 -1.14 -16.30 6.66
N ALA C 10 -0.26 -15.39 7.05
CA ALA C 10 -0.70 -14.10 7.60
C ALA C 10 0.10 -13.04 6.88
N GLY C 11 -0.59 -11.99 6.43
CA GLY C 11 0.11 -10.94 5.74
C GLY C 11 -0.84 -9.89 5.20
N SER C 12 -0.31 -9.03 4.33
CA SER C 12 -1.11 -7.98 3.74
C SER C 12 -1.82 -8.42 2.47
N ALA C 13 -3.10 -8.06 2.39
CA ALA C 13 -3.91 -8.35 1.24
C ALA C 13 -4.38 -6.99 0.76
N THR C 14 -4.14 -6.68 -0.50
CA THR C 14 -4.53 -5.39 -1.06
C THR C 14 -5.52 -5.59 -2.21
N VAL C 15 -6.68 -4.91 -2.09
CA VAL C 15 -7.77 -4.98 -3.07
C VAL C 15 -7.68 -3.79 -4.01
N ARG C 16 -7.64 -4.07 -5.31
CA ARG C 16 -7.57 -3.03 -6.31
C ARG C 16 -8.76 -3.17 -7.25
N PRO C 17 -9.86 -2.48 -6.93
CA PRO C 17 -11.08 -2.53 -7.74
C PRO C 17 -10.86 -2.15 -9.20
N THR C 18 -11.53 -2.89 -10.07
CA THR C 18 -11.45 -2.69 -11.51
C THR C 18 -12.62 -1.84 -12.00
N GLU C 19 -12.36 -1.08 -13.05
CA GLU C 19 -13.34 -0.20 -13.65
C GLU C 19 -14.52 -1.00 -14.20
N GLY C 29 -19.63 11.62 -14.38
CA GLY C 29 -18.34 11.68 -15.04
C GLY C 29 -17.49 10.45 -14.75
N GLY C 30 -16.69 10.53 -13.69
CA GLY C 30 -15.84 9.41 -13.33
C GLY C 30 -16.22 8.77 -12.02
N PHE C 31 -16.44 7.46 -12.04
CA PHE C 31 -16.80 6.71 -10.85
C PHE C 31 -15.56 5.95 -10.37
N SER C 32 -14.73 6.61 -9.57
CA SER C 32 -13.51 5.99 -9.05
C SER C 32 -13.70 5.36 -7.67
N VAL C 33 -12.84 4.40 -7.35
CA VAL C 33 -12.87 3.68 -6.10
C VAL C 33 -11.46 3.34 -5.66
N THR C 34 -11.02 3.91 -4.55
CA THR C 34 -9.67 3.67 -4.05
C THR C 34 -9.29 2.23 -3.70
N ASN C 35 -7.98 1.98 -3.69
CA ASN C 35 -7.47 0.67 -3.32
C ASN C 35 -7.33 0.70 -1.80
N ASN C 36 -7.41 -0.47 -1.20
CA ASN C 36 -7.28 -0.56 0.25
C ASN C 36 -6.58 -1.87 0.58
N THR C 37 -5.71 -1.80 1.58
CA THR C 37 -4.92 -2.92 2.02
C THR C 37 -5.28 -3.26 3.45
N GLN C 38 -5.59 -4.53 3.72
CA GLN C 38 -5.94 -4.98 5.07
C GLN C 38 -5.23 -6.26 5.45
N LEU C 39 -5.51 -6.77 6.65
CA LEU C 39 -4.88 -8.01 7.12
C LEU C 39 -5.43 -9.18 6.33
N GLY C 40 -4.53 -10.00 5.80
CA GLY C 40 -4.96 -11.16 5.04
C GLY C 40 -4.60 -12.44 5.75
N LEU C 41 -5.53 -13.38 5.77
CA LEU C 41 -5.28 -14.68 6.42
C LEU C 41 -5.86 -15.80 5.55
N THR C 42 -5.06 -16.83 5.32
CA THR C 42 -5.56 -17.94 4.53
C THR C 42 -5.30 -19.23 5.31
N PHE C 43 -6.28 -20.12 5.28
CA PHE C 43 -6.19 -21.43 5.98
C PHE C 43 -6.28 -22.46 4.86
N THR C 44 -5.30 -23.34 4.76
CA THR C 44 -5.31 -24.31 3.67
C THR C 44 -5.02 -25.73 4.09
N TYR C 45 -5.64 -26.68 3.40
CA TYR C 45 -5.42 -28.08 3.68
C TYR C 45 -5.06 -28.86 2.41
N MET C 46 -4.14 -29.82 2.54
CA MET C 46 -3.73 -30.63 1.39
C MET C 46 -4.58 -31.88 1.17
N ALA C 47 -5.38 -31.88 0.10
CA ALA C 47 -6.16 -33.04 -0.21
C ALA C 47 -5.08 -34.10 -0.46
N THR C 48 -4.15 -33.78 -1.35
CA THR C 48 -3.08 -34.70 -1.69
C THR C 48 -1.79 -33.92 -1.62
N ASP C 49 -0.74 -34.37 -2.31
CA ASP C 49 0.51 -33.65 -2.29
C ASP C 49 0.45 -32.44 -3.23
N ASN C 50 -0.62 -32.35 -4.02
CA ASN C 50 -0.73 -31.23 -4.95
C ASN C 50 -2.08 -30.50 -4.89
N ILE C 51 -3.14 -31.19 -4.48
CA ILE C 51 -4.46 -30.54 -4.42
C ILE C 51 -4.69 -29.94 -3.04
N GLY C 52 -5.01 -28.65 -3.03
CA GLY C 52 -5.26 -27.97 -1.77
C GLY C 52 -6.62 -27.30 -1.70
N VAL C 53 -7.08 -27.13 -0.46
CA VAL C 53 -8.36 -26.51 -0.15
C VAL C 53 -8.01 -25.30 0.71
N GLU C 54 -8.40 -24.13 0.24
CA GLU C 54 -8.07 -22.89 0.93
C GLU C 54 -9.19 -21.86 1.10
N LEU C 55 -9.21 -21.23 2.27
CA LEU C 55 -10.17 -20.19 2.61
C LEU C 55 -9.39 -18.92 2.86
N LEU C 56 -9.77 -17.82 2.20
CA LEU C 56 -9.10 -16.53 2.43
C LEU C 56 -9.98 -15.67 3.33
N ALA C 57 -9.38 -15.12 4.38
CA ALA C 57 -10.14 -14.26 5.29
C ALA C 57 -9.42 -12.94 5.47
N ALA C 58 -10.19 -11.89 5.74
CA ALA C 58 -9.60 -10.58 5.92
C ALA C 58 -10.38 -9.70 6.89
N THR C 59 -9.69 -8.71 7.44
CA THR C 59 -10.32 -7.74 8.32
C THR C 59 -11.18 -6.92 7.32
N PRO C 60 -12.16 -6.14 7.80
CA PRO C 60 -12.92 -5.43 6.76
C PRO C 60 -12.20 -4.35 5.95
N PHE C 61 -12.41 -4.35 4.64
CA PHE C 61 -11.78 -3.35 3.76
C PHE C 61 -12.61 -2.06 3.75
N ARG C 62 -11.95 -0.94 3.50
CA ARG C 62 -12.60 0.37 3.45
C ARG C 62 -12.18 1.13 2.16
N HIS C 63 -13.16 1.49 1.35
CA HIS C 63 -12.91 2.20 0.09
C HIS C 63 -13.64 3.54 0.02
N LYS C 64 -13.07 4.50 -0.70
CA LYS C 64 -13.71 5.80 -0.89
C LYS C 64 -14.20 5.85 -2.32
N ILE C 65 -15.38 6.41 -2.53
CA ILE C 65 -15.94 6.53 -3.87
C ILE C 65 -16.02 8.00 -4.21
N GLY C 66 -16.00 8.31 -5.51
CA GLY C 66 -16.08 9.70 -5.89
C GLY C 66 -15.86 9.96 -7.36
N THR C 67 -15.83 11.25 -7.72
CA THR C 67 -15.63 11.70 -9.08
C THR C 67 -14.59 12.83 -9.11
N ARG C 68 -14.20 13.26 -10.32
CA ARG C 68 -13.18 14.30 -10.49
C ARG C 68 -13.45 15.62 -9.77
N ALA C 69 -14.54 16.29 -10.11
CA ALA C 69 -14.88 17.56 -9.49
C ALA C 69 -14.89 17.45 -7.96
N THR C 70 -16.03 16.99 -7.45
CA THR C 70 -16.28 16.81 -6.02
C THR C 70 -15.24 16.05 -5.19
N GLY C 71 -14.77 14.93 -5.72
CA GLY C 71 -13.81 14.13 -4.97
C GLY C 71 -14.59 13.07 -4.22
N ASP C 72 -14.14 12.71 -3.02
CA ASP C 72 -14.83 11.70 -2.24
C ASP C 72 -16.25 12.13 -1.86
N ILE C 73 -17.18 11.17 -1.89
CA ILE C 73 -18.56 11.44 -1.53
C ILE C 73 -19.14 10.36 -0.65
N ALA C 74 -18.36 9.30 -0.41
CA ALA C 74 -18.84 8.19 0.42
C ALA C 74 -17.75 7.18 0.68
N THR C 75 -17.95 6.37 1.71
CA THR C 75 -17.00 5.33 2.05
C THR C 75 -17.76 4.00 2.20
N VAL C 76 -17.11 2.93 1.78
CA VAL C 76 -17.69 1.60 1.81
C VAL C 76 -16.73 0.55 2.37
N HIS C 77 -17.30 -0.42 3.09
CA HIS C 77 -16.51 -1.51 3.66
C HIS C 77 -17.12 -2.84 3.19
N HIS C 78 -16.32 -3.90 3.22
CA HIS C 78 -16.82 -5.24 2.84
C HIS C 78 -15.88 -6.34 3.31
N LEU C 79 -16.43 -7.54 3.38
CA LEU C 79 -15.64 -8.73 3.73
C LEU C 79 -15.76 -9.57 2.47
N PRO C 80 -14.62 -9.99 1.91
CA PRO C 80 -14.64 -10.81 0.69
C PRO C 80 -14.21 -12.26 0.91
N PRO C 81 -14.73 -12.94 1.95
CA PRO C 81 -14.32 -14.34 2.18
C PRO C 81 -14.34 -15.15 0.90
N THR C 82 -13.30 -15.93 0.67
CA THR C 82 -13.21 -16.73 -0.55
C THR C 82 -12.79 -18.16 -0.28
N LEU C 83 -13.42 -19.08 -1.01
CA LEU C 83 -13.16 -20.51 -0.85
C LEU C 83 -12.53 -21.02 -2.13
N MET C 84 -11.40 -21.71 -2.00
CA MET C 84 -10.68 -22.20 -3.18
C MET C 84 -10.19 -23.65 -3.22
N ALA C 85 -10.15 -24.17 -4.44
CA ALA C 85 -9.64 -25.49 -4.77
C ALA C 85 -8.33 -25.13 -5.49
N GLN C 86 -7.22 -25.72 -5.06
CA GLN C 86 -5.93 -25.34 -5.63
C GLN C 86 -5.09 -26.47 -6.19
N TRP C 87 -4.05 -26.10 -6.94
CA TRP C 87 -3.11 -27.06 -7.48
C TRP C 87 -1.70 -26.50 -7.35
N TYR C 88 -0.89 -27.18 -6.52
CA TYR C 88 0.50 -26.80 -6.24
C TYR C 88 1.46 -27.58 -7.13
N PHE C 89 2.31 -26.86 -7.86
CA PHE C 89 3.28 -27.51 -8.75
C PHE C 89 4.46 -28.12 -8.01
N GLY C 90 5.26 -28.90 -8.73
CA GLY C 90 6.41 -29.57 -8.14
C GLY C 90 5.88 -30.72 -7.31
N ASP C 91 6.55 -31.03 -6.21
CA ASP C 91 6.08 -32.11 -5.35
C ASP C 91 6.21 -31.75 -3.86
N ALA C 92 5.96 -32.71 -2.99
CA ALA C 92 6.02 -32.48 -1.54
C ALA C 92 7.38 -32.02 -1.03
N SER C 93 8.44 -32.26 -1.79
CA SER C 93 9.78 -31.89 -1.35
C SER C 93 10.27 -30.59 -2.00
N SER C 94 9.51 -30.05 -2.94
CA SER C 94 9.89 -28.81 -3.62
C SER C 94 9.91 -27.67 -2.60
N LYS C 95 10.96 -26.84 -2.65
CA LYS C 95 11.07 -25.72 -1.72
C LYS C 95 10.38 -24.54 -2.36
N PHE C 96 10.12 -24.68 -3.64
CA PHE C 96 9.53 -23.61 -4.42
C PHE C 96 8.29 -24.13 -5.15
N ARG C 97 7.11 -23.75 -4.66
CA ARG C 97 5.88 -24.26 -5.28
C ARG C 97 4.83 -23.25 -5.72
N PRO C 98 4.86 -22.87 -7.02
CA PRO C 98 3.85 -21.91 -7.48
C PRO C 98 2.53 -22.69 -7.48
N TYR C 99 1.41 -21.98 -7.55
CA TYR C 99 0.13 -22.68 -7.54
C TYR C 99 -0.97 -21.89 -8.22
N VAL C 100 -2.07 -22.57 -8.54
CA VAL C 100 -3.20 -21.91 -9.19
C VAL C 100 -4.46 -22.40 -8.50
N GLY C 101 -5.48 -21.55 -8.45
CA GLY C 101 -6.71 -21.95 -7.81
C GLY C 101 -7.89 -21.31 -8.47
N ALA C 102 -9.06 -21.91 -8.26
CA ALA C 102 -10.33 -21.42 -8.82
C ALA C 102 -11.33 -21.63 -7.70
N GLY C 103 -12.30 -20.73 -7.57
CA GLY C 103 -13.27 -20.91 -6.51
C GLY C 103 -14.44 -19.97 -6.53
N ILE C 104 -15.05 -19.81 -5.37
CA ILE C 104 -16.21 -18.94 -5.23
C ILE C 104 -15.95 -17.89 -4.17
N ASN C 105 -16.39 -16.68 -4.45
CA ASN C 105 -16.24 -15.57 -3.52
C ASN C 105 -17.59 -15.03 -3.05
N TYR C 106 -17.63 -14.58 -1.81
CA TYR C 106 -18.84 -13.98 -1.27
C TYR C 106 -18.39 -12.69 -0.57
N THR C 107 -19.01 -11.58 -0.98
CA THR C 107 -18.66 -10.28 -0.44
C THR C 107 -19.87 -9.51 0.13
N THR C 108 -19.73 -9.05 1.38
CA THR C 108 -20.80 -8.27 1.99
C THR C 108 -20.34 -6.87 2.33
N PHE C 109 -21.13 -5.89 1.92
CA PHE C 109 -20.79 -4.50 2.20
C PHE C 109 -21.52 -4.01 3.42
N PHE C 110 -20.82 -3.27 4.26
CA PHE C 110 -21.45 -2.72 5.45
C PHE C 110 -20.69 -1.47 5.89
N ASP C 111 -21.39 -0.66 6.68
CA ASP C 111 -20.86 0.61 7.17
C ASP C 111 -20.56 1.48 5.96
N ASN C 112 -21.61 1.76 5.20
CA ASN C 112 -21.53 2.57 4.00
C ASN C 112 -22.30 3.87 4.24
N GLY C 113 -21.64 5.00 3.97
CA GLY C 113 -22.29 6.26 4.17
C GLY C 113 -21.66 7.32 3.31
N PHE C 114 -22.44 8.32 2.93
CA PHE C 114 -21.91 9.43 2.16
C PHE C 114 -21.30 10.43 3.14
N ASN C 115 -20.28 11.17 2.70
CA ASN C 115 -19.62 12.17 3.55
C ASN C 115 -20.41 13.50 3.53
N ASP C 116 -19.84 14.55 4.13
CA ASP C 116 -20.52 15.83 4.14
C ASP C 116 -20.78 16.28 2.71
N HIS C 117 -19.81 16.05 1.83
CA HIS C 117 -19.93 16.42 0.44
C HIS C 117 -21.06 15.65 -0.25
N GLY C 118 -21.16 14.36 0.02
CA GLY C 118 -22.25 13.59 -0.55
C GLY C 118 -23.59 14.14 -0.08
N LYS C 119 -23.69 14.43 1.21
CA LYS C 119 -24.93 14.97 1.76
C LYS C 119 -25.21 16.35 1.16
N GLU C 120 -24.18 17.19 1.04
CA GLU C 120 -24.38 18.52 0.48
C GLU C 120 -24.96 18.42 -0.91
N ALA C 121 -24.70 17.30 -1.58
CA ALA C 121 -25.22 17.08 -2.93
C ALA C 121 -26.63 16.43 -2.91
N GLY C 122 -27.12 16.10 -1.73
CA GLY C 122 -28.44 15.49 -1.62
C GLY C 122 -28.46 13.97 -1.48
N LEU C 123 -27.31 13.38 -1.14
CA LEU C 123 -27.21 11.92 -1.01
C LEU C 123 -27.39 11.41 0.42
N SER C 124 -28.09 10.29 0.54
CA SER C 124 -28.37 9.64 1.81
C SER C 124 -28.83 8.21 1.60
N ASP C 125 -29.03 7.50 2.71
CA ASP C 125 -29.50 6.11 2.70
C ASP C 125 -28.74 5.22 1.73
N LEU C 126 -27.44 5.05 1.96
CA LEU C 126 -26.61 4.24 1.07
C LEU C 126 -26.37 2.84 1.60
N SER C 127 -26.33 1.87 0.68
CA SER C 127 -26.08 0.48 1.02
C SER C 127 -25.95 -0.30 -0.29
N LEU C 128 -25.16 -1.37 -0.24
CA LEU C 128 -24.91 -2.19 -1.41
C LEU C 128 -25.36 -3.58 -1.06
N LYS C 129 -25.93 -4.31 -2.02
CA LYS C 129 -26.39 -5.67 -1.75
C LYS C 129 -25.26 -6.66 -1.93
N ASP C 130 -25.34 -7.77 -1.20
CA ASP C 130 -24.34 -8.81 -1.25
C ASP C 130 -24.06 -9.34 -2.66
N SER C 131 -22.93 -10.02 -2.81
CA SER C 131 -22.51 -10.54 -4.10
C SER C 131 -21.77 -11.88 -4.02
N TRP C 132 -21.99 -12.74 -5.03
CA TRP C 132 -21.33 -14.05 -5.15
C TRP C 132 -20.64 -14.06 -6.50
N GLY C 133 -19.53 -14.75 -6.65
CA GLY C 133 -18.88 -14.76 -7.96
C GLY C 133 -17.66 -15.63 -8.09
N ALA C 134 -17.29 -15.93 -9.33
CA ALA C 134 -16.11 -16.75 -9.62
C ALA C 134 -14.85 -16.06 -9.08
N ALA C 135 -13.81 -16.84 -8.84
CA ALA C 135 -12.56 -16.32 -8.34
C ALA C 135 -11.43 -17.19 -8.87
N GLY C 136 -10.32 -16.55 -9.23
CA GLY C 136 -9.17 -17.28 -9.72
C GLY C 136 -7.95 -16.81 -8.93
N GLN C 137 -6.89 -17.62 -8.90
CA GLN C 137 -5.69 -17.23 -8.18
C GLN C 137 -4.45 -17.93 -8.68
N VAL C 138 -3.32 -17.22 -8.58
CA VAL C 138 -2.06 -17.79 -8.95
C VAL C 138 -1.14 -17.27 -7.86
N GLY C 139 -0.28 -18.11 -7.34
CA GLY C 139 0.59 -17.65 -6.29
C GLY C 139 1.84 -18.46 -6.13
N VAL C 140 2.64 -18.11 -5.15
CA VAL C 140 3.85 -18.86 -4.91
C VAL C 140 4.16 -19.00 -3.43
N ASP C 141 4.54 -20.20 -3.06
CA ASP C 141 4.95 -20.48 -1.71
C ASP C 141 6.39 -20.90 -1.80
N TYR C 142 7.20 -20.37 -0.91
CA TYR C 142 8.60 -20.76 -0.86
C TYR C 142 8.70 -21.43 0.51
N LEU C 143 8.85 -22.74 0.51
CA LEU C 143 8.94 -23.51 1.74
C LEU C 143 10.34 -23.55 2.34
N ILE C 144 10.56 -22.68 3.32
CA ILE C 144 11.86 -22.57 3.99
C ILE C 144 12.26 -23.78 4.85
N ASN C 145 11.33 -24.21 5.70
CA ASN C 145 11.57 -25.35 6.60
C ASN C 145 10.32 -26.19 6.60
N ARG C 146 10.31 -27.16 7.49
CA ARG C 146 9.15 -28.02 7.65
C ARG C 146 8.16 -27.17 8.46
N ASP C 147 8.59 -25.99 8.86
CA ASP C 147 7.74 -25.11 9.66
C ASP C 147 7.29 -23.80 9.03
N TRP C 148 8.16 -23.12 8.29
CA TRP C 148 7.83 -21.81 7.73
C TRP C 148 7.89 -21.65 6.23
N LEU C 149 7.26 -20.58 5.75
CA LEU C 149 7.27 -20.25 4.33
C LEU C 149 6.90 -18.80 4.13
N VAL C 150 7.24 -18.26 2.96
CA VAL C 150 6.90 -16.88 2.60
C VAL C 150 6.02 -17.06 1.38
N ASN C 151 5.10 -16.12 1.14
CA ASN C 151 4.16 -16.27 0.05
C ASN C 151 3.80 -15.01 -0.73
N MET C 152 3.42 -15.20 -2.00
CA MET C 152 2.97 -14.14 -2.91
C MET C 152 1.68 -14.69 -3.45
N SER C 153 0.76 -13.81 -3.82
CA SER C 153 -0.52 -14.26 -4.34
C SER C 153 -1.28 -13.17 -5.10
N VAL C 154 -1.82 -13.54 -6.26
CA VAL C 154 -2.59 -12.61 -7.08
C VAL C 154 -3.95 -13.21 -7.27
N TRP C 155 -5.00 -12.49 -6.84
CA TRP C 155 -6.35 -12.99 -6.97
C TRP C 155 -7.22 -12.12 -7.87
N TYR C 156 -8.11 -12.77 -8.61
CA TYR C 156 -9.06 -12.05 -9.43
C TYR C 156 -10.44 -12.46 -8.89
N MET C 157 -11.35 -11.52 -8.79
CA MET C 157 -12.67 -11.85 -8.25
C MET C 157 -13.86 -11.15 -8.91
N ASP C 158 -14.89 -11.93 -9.21
CA ASP C 158 -16.11 -11.41 -9.83
C ASP C 158 -17.00 -10.80 -8.77
N ILE C 159 -16.95 -9.48 -8.62
CA ILE C 159 -17.78 -8.84 -7.62
C ILE C 159 -18.70 -7.76 -8.20
N ASP C 160 -19.90 -8.18 -8.59
CA ASP C 160 -20.91 -7.28 -9.14
C ASP C 160 -22.02 -7.04 -8.13
N THR C 161 -22.38 -5.78 -7.95
CA THR C 161 -23.42 -5.44 -7.02
C THR C 161 -24.24 -4.25 -7.55
N THR C 162 -25.11 -3.73 -6.71
CA THR C 162 -25.91 -2.58 -7.07
C THR C 162 -25.99 -1.68 -5.83
N ALA C 163 -25.70 -0.41 -6.00
CA ALA C 163 -25.73 0.53 -4.89
C ALA C 163 -27.13 1.14 -4.78
N ASN C 164 -27.61 1.24 -3.55
CA ASN C 164 -28.93 1.80 -3.29
C ASN C 164 -28.80 3.00 -2.36
N TYR C 165 -29.44 4.10 -2.74
CA TYR C 165 -29.37 5.34 -1.98
C TYR C 165 -30.40 6.33 -2.56
N LYS C 166 -30.63 7.44 -1.87
CA LYS C 166 -31.56 8.42 -2.42
C LYS C 166 -30.81 9.67 -2.84
N LEU C 167 -31.26 10.32 -3.92
CA LEU C 167 -30.64 11.55 -4.40
C LEU C 167 -31.70 12.61 -4.17
N GLY C 168 -31.66 13.25 -3.01
CA GLY C 168 -32.65 14.26 -2.67
C GLY C 168 -34.04 13.66 -2.72
N GLY C 169 -34.20 12.63 -3.55
CA GLY C 169 -35.49 11.99 -3.71
C GLY C 169 -35.56 10.52 -3.34
N ALA C 170 -35.15 9.64 -4.27
CA ALA C 170 -35.17 8.19 -4.05
C ALA C 170 -34.41 7.42 -5.13
N GLN C 171 -33.61 8.13 -5.92
CA GLN C 171 -32.86 7.48 -7.00
C GLN C 171 -31.91 6.53 -6.27
N GLN C 172 -32.43 5.35 -5.93
CA GLN C 172 -31.64 4.37 -5.19
C GLN C 172 -31.13 3.16 -5.92
N HIS C 173 -30.79 3.26 -7.19
CA HIS C 173 -30.30 2.06 -7.86
C HIS C 173 -29.29 2.22 -8.98
N ASP C 174 -28.07 1.76 -8.72
CA ASP C 174 -27.00 1.77 -9.71
C ASP C 174 -26.19 0.49 -9.57
N SER C 175 -25.61 0.05 -10.67
CA SER C 175 -24.79 -1.16 -10.68
C SER C 175 -23.31 -0.86 -10.47
N VAL C 176 -22.74 -1.45 -9.42
CA VAL C 176 -21.33 -1.26 -9.10
C VAL C 176 -20.58 -2.54 -9.45
N ARG C 177 -19.46 -2.36 -10.17
CA ARG C 177 -18.62 -3.45 -10.57
C ARG C 177 -17.24 -3.20 -10.04
N LEU C 178 -16.84 -3.97 -9.03
CA LEU C 178 -15.51 -3.85 -8.47
C LEU C 178 -14.53 -4.70 -9.29
N ASP C 179 -14.89 -5.96 -9.54
CA ASP C 179 -14.04 -6.89 -10.28
C ASP C 179 -12.58 -6.58 -10.02
N PRO C 180 -12.16 -6.61 -8.76
CA PRO C 180 -10.80 -6.33 -8.32
C PRO C 180 -9.78 -7.44 -8.38
N TRP C 181 -8.52 -7.04 -8.39
CA TRP C 181 -7.43 -8.00 -8.35
C TRP C 181 -7.02 -7.86 -6.88
N VAL C 182 -6.61 -8.94 -6.22
CA VAL C 182 -6.18 -8.80 -4.84
C VAL C 182 -4.73 -9.23 -4.76
N PHE C 183 -3.90 -8.42 -4.12
CA PHE C 183 -2.48 -8.76 -4.02
C PHE C 183 -2.10 -9.07 -2.58
N MET C 184 -1.56 -10.27 -2.35
CA MET C 184 -1.18 -10.67 -1.02
C MET C 184 0.27 -11.12 -0.83
N PHE C 185 0.87 -10.63 0.25
CA PHE C 185 2.24 -10.92 0.67
C PHE C 185 2.15 -11.42 2.09
N SER C 186 2.76 -12.56 2.37
CA SER C 186 2.63 -13.09 3.72
C SER C 186 3.71 -14.08 4.10
N ALA C 187 3.63 -14.54 5.35
CA ALA C 187 4.50 -15.53 5.91
C ALA C 187 3.48 -16.56 6.35
N GLY C 188 3.85 -17.82 6.31
CA GLY C 188 2.93 -18.85 6.70
C GLY C 188 3.57 -19.89 7.61
N TYR C 189 2.75 -20.53 8.43
CA TYR C 189 3.23 -21.54 9.35
C TYR C 189 2.60 -22.87 8.96
N ARG C 190 3.35 -23.94 9.13
CA ARG C 190 2.87 -25.26 8.77
C ARG C 190 2.55 -26.14 9.98
N PHE C 191 1.49 -26.94 9.87
CA PHE C 191 1.10 -27.86 10.93
C PHE C 191 0.96 -29.23 10.29
N HIS C 192 1.80 -30.16 10.74
CA HIS C 192 1.80 -31.52 10.18
C HIS C 192 1.07 -32.53 11.03
N GLU D 2 -15.20 -41.52 13.35
CA GLU D 2 -15.48 -40.05 13.35
C GLU D 2 -14.83 -39.35 14.54
N ALA D 3 -14.59 -40.10 15.62
CA ALA D 3 -13.90 -39.53 16.79
C ALA D 3 -12.58 -38.92 16.30
N GLY D 4 -12.30 -37.68 16.70
CA GLY D 4 -11.06 -37.06 16.28
C GLY D 4 -11.20 -36.26 14.99
N GLU D 5 -12.35 -36.44 14.34
CA GLU D 5 -12.62 -35.74 13.10
C GLU D 5 -13.02 -34.26 13.26
N PHE D 6 -12.64 -33.48 12.26
CA PHE D 6 -12.94 -32.06 12.18
C PHE D 6 -13.52 -31.79 10.79
N PHE D 7 -14.68 -31.18 10.72
CA PHE D 7 -15.26 -30.88 9.43
C PHE D 7 -15.82 -29.46 9.41
N MET D 8 -15.74 -28.83 8.24
CA MET D 8 -16.21 -27.46 8.07
C MET D 8 -17.39 -27.41 7.10
N ARG D 9 -18.42 -26.66 7.47
CA ARG D 9 -19.56 -26.51 6.59
C ARG D 9 -19.59 -25.07 6.10
N ALA D 10 -19.96 -24.87 4.84
CA ALA D 10 -20.06 -23.53 4.30
C ALA D 10 -21.39 -23.46 3.56
N GLY D 11 -22.14 -22.40 3.81
CA GLY D 11 -23.44 -22.26 3.15
C GLY D 11 -24.20 -21.04 3.60
N SER D 12 -25.50 -21.01 3.31
CA SER D 12 -26.34 -19.91 3.70
C SER D 12 -26.98 -20.10 5.05
N ALA D 13 -26.92 -19.04 5.83
CA ALA D 13 -27.52 -19.03 7.15
C ALA D 13 -28.51 -17.88 7.07
N THR D 14 -29.77 -18.14 7.41
CA THR D 14 -30.80 -17.13 7.37
C THR D 14 -31.40 -16.94 8.78
N VAL D 15 -31.36 -15.69 9.25
CA VAL D 15 -31.89 -15.29 10.56
C VAL D 15 -33.32 -14.75 10.43
N ARG D 16 -34.23 -15.34 11.18
CA ARG D 16 -35.62 -14.91 11.15
C ARG D 16 -36.03 -14.48 12.54
N PRO D 17 -35.87 -13.20 12.85
CA PRO D 17 -36.22 -12.65 14.17
C PRO D 17 -37.67 -12.89 14.55
N THR D 18 -37.85 -13.25 15.82
CA THR D 18 -39.15 -13.53 16.40
C THR D 18 -39.73 -12.31 17.10
N GLU D 19 -41.05 -12.21 17.08
CA GLU D 19 -41.77 -11.10 17.69
C GLU D 19 -41.52 -11.06 19.20
N GLY D 29 -47.04 1.19 17.12
CA GLY D 29 -47.92 0.23 16.48
C GLY D 29 -47.25 -1.12 16.29
N GLY D 30 -46.59 -1.29 15.15
CA GLY D 30 -45.92 -2.55 14.87
C GLY D 30 -44.41 -2.41 14.77
N PHE D 31 -43.71 -3.21 15.56
CA PHE D 31 -42.25 -3.19 15.56
C PHE D 31 -41.75 -4.40 14.78
N SER D 32 -41.63 -4.25 13.47
CA SER D 32 -41.16 -5.35 12.61
C SER D 32 -39.66 -5.30 12.33
N VAL D 33 -39.11 -6.46 12.02
CA VAL D 33 -37.68 -6.61 11.73
C VAL D 33 -37.50 -7.66 10.65
N THR D 34 -36.99 -7.23 9.50
CA THR D 34 -36.77 -8.14 8.38
C THR D 34 -35.81 -9.32 8.59
N ASN D 35 -35.98 -10.35 7.77
CA ASN D 35 -35.12 -11.52 7.81
C ASN D 35 -33.93 -11.18 6.93
N ASN D 36 -32.79 -11.79 7.22
CA ASN D 36 -31.59 -11.56 6.46
C ASN D 36 -30.81 -12.85 6.38
N THR D 37 -30.22 -13.09 5.21
CA THR D 37 -29.46 -14.29 4.95
C THR D 37 -28.02 -13.93 4.64
N GLN D 38 -27.09 -14.57 5.33
CA GLN D 38 -25.65 -14.30 5.11
C GLN D 38 -24.84 -15.60 4.99
N LEU D 39 -23.54 -15.46 4.80
CA LEU D 39 -22.65 -16.61 4.70
C LEU D 39 -22.54 -17.29 6.07
N GLY D 40 -22.79 -18.59 6.09
CA GLY D 40 -22.71 -19.35 7.31
C GLY D 40 -21.53 -20.29 7.27
N LEU D 41 -20.80 -20.37 8.39
CA LEU D 41 -19.66 -21.28 8.48
C LEU D 41 -19.67 -21.94 9.85
N THR D 42 -19.49 -23.25 9.88
CA THR D 42 -19.44 -23.95 11.16
C THR D 42 -18.19 -24.83 11.19
N PHE D 43 -17.50 -24.84 12.32
CA PHE D 43 -16.30 -25.64 12.52
C PHE D 43 -16.67 -26.60 13.62
N THR D 44 -16.51 -27.90 13.37
CA THR D 44 -16.90 -28.88 14.37
C THR D 44 -15.89 -29.97 14.60
N TYR D 45 -15.80 -30.44 15.85
CA TYR D 45 -14.88 -31.50 16.21
C TYR D 45 -15.59 -32.64 16.95
N MET D 46 -15.20 -33.88 16.66
CA MET D 46 -15.83 -35.03 17.33
C MET D 46 -15.16 -35.44 18.65
N ALA D 47 -15.84 -35.22 19.76
CA ALA D 47 -15.30 -35.62 21.04
C ALA D 47 -15.23 -37.14 20.88
N THR D 48 -16.35 -37.75 20.51
CA THR D 48 -16.40 -39.18 20.33
C THR D 48 -17.06 -39.44 18.98
N ASP D 49 -17.63 -40.63 18.79
CA ASP D 49 -18.29 -40.93 17.52
C ASP D 49 -19.68 -40.29 17.48
N ASN D 50 -20.13 -39.74 18.61
CA ASN D 50 -21.44 -39.11 18.64
C ASN D 50 -21.45 -37.68 19.24
N ILE D 51 -20.51 -37.38 20.14
CA ILE D 51 -20.46 -36.06 20.76
C ILE D 51 -19.60 -35.10 19.97
N GLY D 52 -20.18 -33.97 19.59
CA GLY D 52 -19.47 -32.99 18.81
C GLY D 52 -19.43 -31.61 19.45
N VAL D 53 -18.41 -30.86 19.07
CA VAL D 53 -18.16 -29.51 19.55
C VAL D 53 -18.16 -28.65 18.30
N GLU D 54 -19.05 -27.67 18.28
CA GLU D 54 -19.23 -26.82 17.11
C GLU D 54 -19.34 -25.32 17.37
N LEU D 55 -18.71 -24.55 16.48
CA LEU D 55 -18.76 -23.08 16.51
C LEU D 55 -19.41 -22.62 15.22
N LEU D 56 -20.43 -21.77 15.33
CA LEU D 56 -21.07 -21.21 14.11
C LEU D 56 -20.56 -19.80 13.90
N ALA D 57 -20.16 -19.50 12.67
CA ALA D 57 -19.66 -18.17 12.36
C ALA D 57 -20.35 -17.63 11.12
N ALA D 58 -20.50 -16.31 11.06
CA ALA D 58 -21.17 -15.70 9.93
C ALA D 58 -20.65 -14.31 9.63
N THR D 59 -20.86 -13.88 8.39
CA THR D 59 -20.48 -12.55 7.94
C THR D 59 -21.52 -11.70 8.69
N PRO D 60 -21.34 -10.36 8.78
CA PRO D 60 -22.40 -9.65 9.53
C PRO D 60 -23.79 -9.57 8.91
N PHE D 61 -24.82 -9.78 9.73
CA PHE D 61 -26.19 -9.69 9.25
C PHE D 61 -26.68 -8.22 9.25
N ARG D 62 -27.63 -7.92 8.38
CA ARG D 62 -28.20 -6.59 8.27
C ARG D 62 -29.74 -6.67 8.27
N HIS D 63 -30.37 -5.99 9.22
CA HIS D 63 -31.83 -5.99 9.32
C HIS D 63 -32.42 -4.57 9.28
N LYS D 64 -33.65 -4.46 8.79
CA LYS D 64 -34.33 -3.16 8.73
C LYS D 64 -35.43 -3.20 9.76
N ILE D 65 -35.58 -2.10 10.48
CA ILE D 65 -36.62 -1.99 11.50
C ILE D 65 -37.67 -0.99 11.02
N GLY D 66 -38.88 -1.12 11.53
CA GLY D 66 -39.92 -0.19 11.11
C GLY D 66 -41.31 -0.55 11.59
N THR D 67 -42.27 0.26 11.15
CA THR D 67 -43.68 0.08 11.50
C THR D 67 -44.52 0.21 10.22
N ARG D 68 -45.83 -0.04 10.36
CA ARG D 68 -46.76 0.00 9.22
C ARG D 68 -46.79 1.30 8.42
N ALA D 69 -47.16 2.39 9.08
CA ALA D 69 -47.23 3.69 8.40
C ALA D 69 -45.92 4.02 7.71
N THR D 70 -45.00 4.58 8.49
CA THR D 70 -43.66 4.99 8.03
C THR D 70 -42.83 4.00 7.21
N GLY D 71 -42.79 2.75 7.66
CA GLY D 71 -42.00 1.76 6.96
C GLY D 71 -40.65 1.71 7.63
N ASP D 72 -39.58 1.49 6.88
CA ASP D 72 -38.25 1.41 7.46
C ASP D 72 -37.83 2.74 8.10
N ILE D 73 -37.13 2.65 9.23
CA ILE D 73 -36.65 3.83 9.93
C ILE D 73 -35.22 3.67 10.41
N ALA D 74 -34.66 2.48 10.22
CA ALA D 74 -33.29 2.22 10.66
C ALA D 74 -32.80 0.86 10.22
N THR D 75 -31.49 0.68 10.24
CA THR D 75 -30.89 -0.58 9.86
C THR D 75 -29.89 -1.00 10.94
N VAL D 76 -29.87 -2.31 11.20
CA VAL D 76 -29.00 -2.88 12.23
C VAL D 76 -28.22 -4.11 11.73
N HIS D 77 -26.99 -4.24 12.22
CA HIS D 77 -26.14 -5.36 11.89
C HIS D 77 -25.67 -6.03 13.20
N HIS D 78 -25.29 -7.30 13.10
CA HIS D 78 -24.77 -8.03 14.26
C HIS D 78 -24.04 -9.30 13.85
N LEU D 79 -23.23 -9.80 14.76
CA LEU D 79 -22.52 -11.05 14.57
C LEU D 79 -23.08 -11.92 15.71
N PRO D 80 -23.61 -13.09 15.36
CA PRO D 80 -24.18 -14.01 16.35
C PRO D 80 -23.33 -15.29 16.59
N PRO D 81 -22.00 -15.14 16.76
CA PRO D 81 -21.18 -16.34 17.00
C PRO D 81 -21.82 -17.25 18.05
N THR D 82 -21.83 -18.55 17.77
CA THR D 82 -22.43 -19.48 18.70
C THR D 82 -21.57 -20.70 18.95
N LEU D 83 -21.55 -21.14 20.21
CA LEU D 83 -20.74 -22.29 20.60
C LEU D 83 -21.65 -23.44 21.01
N MET D 84 -21.44 -24.61 20.44
CA MET D 84 -22.33 -25.74 20.73
C MET D 84 -21.73 -27.10 21.08
N ALA D 85 -22.48 -27.83 21.91
CA ALA D 85 -22.15 -29.19 22.32
C ALA D 85 -23.23 -29.98 21.55
N GLN D 86 -22.83 -31.00 20.81
CA GLN D 86 -23.81 -31.73 20.02
C GLN D 86 -23.89 -33.22 20.22
N TRP D 87 -24.94 -33.81 19.67
CA TRP D 87 -25.12 -35.25 19.69
C TRP D 87 -25.63 -35.75 18.33
N TYR D 88 -24.78 -36.52 17.65
CA TYR D 88 -25.08 -37.08 16.33
C TYR D 88 -25.64 -38.50 16.43
N PHE D 89 -26.80 -38.73 15.85
CA PHE D 89 -27.42 -40.05 15.92
C PHE D 89 -26.77 -41.06 14.98
N GLY D 90 -27.16 -42.32 15.11
CA GLY D 90 -26.59 -43.38 14.29
C GLY D 90 -25.19 -43.63 14.79
N ASP D 91 -24.28 -43.99 13.90
CA ASP D 91 -22.90 -44.24 14.29
C ASP D 91 -21.90 -43.68 13.29
N ALA D 92 -20.63 -43.98 13.46
CA ALA D 92 -19.58 -43.46 12.59
C ALA D 92 -19.70 -43.85 11.14
N SER D 93 -20.44 -44.92 10.87
CA SER D 93 -20.61 -45.40 9.51
C SER D 93 -21.93 -44.96 8.87
N SER D 94 -22.81 -44.35 9.65
CA SER D 94 -24.09 -43.87 9.13
C SER D 94 -23.86 -42.80 8.06
N LYS D 95 -24.56 -42.90 6.94
CA LYS D 95 -24.43 -41.93 5.87
C LYS D 95 -25.41 -40.81 6.13
N PHE D 96 -26.32 -41.08 7.04
CA PHE D 96 -27.37 -40.15 7.37
C PHE D 96 -27.40 -39.91 8.88
N ARG D 97 -26.92 -38.75 9.31
CA ARG D 97 -26.89 -38.48 10.74
C ARG D 97 -27.55 -37.20 11.27
N PRO D 98 -28.81 -37.31 11.71
CA PRO D 98 -29.43 -36.09 12.24
C PRO D 98 -28.72 -35.78 13.56
N TYR D 99 -28.88 -34.58 14.09
CA TYR D 99 -28.21 -34.27 15.35
C TYR D 99 -28.93 -33.17 16.12
N VAL D 100 -28.59 -33.05 17.40
CA VAL D 100 -29.18 -32.01 18.25
C VAL D 100 -28.05 -31.35 19.03
N GLY D 101 -28.21 -30.07 19.34
CA GLY D 101 -27.19 -29.37 20.09
C GLY D 101 -27.80 -28.32 20.98
N ALA D 102 -27.06 -27.94 22.02
CA ALA D 102 -27.45 -26.92 22.98
C ALA D 102 -26.19 -26.13 23.26
N GLY D 103 -26.31 -24.84 23.48
CA GLY D 103 -25.10 -24.06 23.74
C GLY D 103 -25.36 -22.63 24.14
N ILE D 104 -24.33 -21.80 23.97
CA ILE D 104 -24.40 -20.39 24.30
C ILE D 104 -24.15 -19.55 23.08
N ASN D 105 -24.91 -18.45 22.96
CA ASN D 105 -24.74 -17.51 21.86
C ASN D 105 -24.32 -16.13 22.37
N TYR D 106 -23.55 -15.43 21.55
CA TYR D 106 -23.14 -14.09 21.87
C TYR D 106 -23.35 -13.27 20.61
N THR D 107 -24.11 -12.19 20.74
CA THR D 107 -24.43 -11.33 19.61
C THR D 107 -24.07 -9.86 19.83
N THR D 108 -23.33 -9.28 18.88
CA THR D 108 -22.97 -7.86 18.99
C THR D 108 -23.52 -7.08 17.82
N PHE D 109 -24.18 -5.98 18.14
CA PHE D 109 -24.77 -5.12 17.12
C PHE D 109 -23.81 -3.98 16.80
N PHE D 110 -23.71 -3.65 15.52
CA PHE D 110 -22.86 -2.55 15.11
C PHE D 110 -23.31 -2.03 13.75
N ASP D 111 -22.94 -0.79 13.48
CA ASP D 111 -23.32 -0.11 12.28
C ASP D 111 -24.84 0.01 12.27
N ASN D 112 -25.35 0.69 13.29
CA ASN D 112 -26.78 0.91 13.45
C ASN D 112 -27.09 2.40 13.27
N GLY D 113 -28.04 2.71 12.42
CA GLY D 113 -28.40 4.08 12.19
C GLY D 113 -29.80 4.20 11.65
N PHE D 114 -30.44 5.32 11.92
CA PHE D 114 -31.79 5.55 11.43
C PHE D 114 -31.65 6.12 10.03
N ASN D 115 -32.64 5.88 9.18
CA ASN D 115 -32.62 6.39 7.79
C ASN D 115 -33.14 7.84 7.74
N ASP D 116 -33.32 8.37 6.55
CA ASP D 116 -33.82 9.75 6.43
C ASP D 116 -35.18 9.85 7.15
N HIS D 117 -36.01 8.82 6.98
CA HIS D 117 -37.31 8.79 7.59
C HIS D 117 -37.20 8.80 9.13
N GLY D 118 -36.26 8.03 9.67
CA GLY D 118 -36.09 8.01 11.11
C GLY D 118 -35.68 9.40 11.58
N LYS D 119 -34.74 10.01 10.88
CA LYS D 119 -34.29 11.35 11.25
C LYS D 119 -35.43 12.35 11.11
N GLU D 120 -36.21 12.26 10.04
CA GLU D 120 -37.31 13.19 9.83
C GLU D 120 -38.28 13.12 11.02
N ALA D 121 -38.30 11.98 11.70
CA ALA D 121 -39.17 11.79 12.85
C ALA D 121 -38.48 12.23 14.16
N GLY D 122 -37.22 12.63 14.06
CA GLY D 122 -36.51 13.08 15.24
C GLY D 122 -35.61 12.06 15.90
N LEU D 123 -35.28 10.99 15.18
CA LEU D 123 -34.43 9.92 15.71
C LEU D 123 -32.95 10.05 15.36
N SER D 124 -32.12 9.73 16.34
CA SER D 124 -30.66 9.78 16.19
C SER D 124 -29.99 8.98 17.32
N ASP D 125 -28.66 8.92 17.25
CA ASP D 125 -27.81 8.23 18.24
C ASP D 125 -28.35 6.84 18.59
N LEU D 126 -28.38 5.93 17.61
CA LEU D 126 -28.89 4.58 17.83
C LEU D 126 -27.77 3.57 18.03
N SER D 127 -28.02 2.60 18.91
CA SER D 127 -27.08 1.54 19.22
C SER D 127 -27.77 0.54 20.14
N LEU D 128 -27.39 -0.72 20.04
CA LEU D 128 -27.96 -1.78 20.84
C LEU D 128 -26.83 -2.39 21.66
N LYS D 129 -27.11 -2.82 22.88
CA LYS D 129 -26.07 -3.39 23.71
C LYS D 129 -25.97 -4.88 23.44
N ASP D 130 -24.78 -5.44 23.69
CA ASP D 130 -24.51 -6.84 23.45
C ASP D 130 -25.44 -7.76 24.21
N SER D 131 -25.49 -9.02 23.78
CA SER D 131 -26.38 -10.02 24.37
C SER D 131 -25.79 -11.44 24.41
N TRP D 132 -26.13 -12.18 25.47
CA TRP D 132 -25.70 -13.56 25.67
C TRP D 132 -26.98 -14.37 25.87
N GLY D 133 -26.99 -15.65 25.49
CA GLY D 133 -28.21 -16.41 25.67
C GLY D 133 -28.15 -17.86 25.24
N ALA D 134 -29.11 -18.65 25.75
CA ALA D 134 -29.20 -20.07 25.43
C ALA D 134 -29.39 -20.24 23.90
N ALA D 135 -29.04 -21.42 23.39
CA ALA D 135 -29.20 -21.72 21.98
C ALA D 135 -29.43 -23.21 21.83
N GLY D 136 -30.31 -23.57 20.91
CA GLY D 136 -30.60 -24.96 20.65
C GLY D 136 -30.51 -25.20 19.15
N GLN D 137 -30.28 -26.46 18.76
CA GLN D 137 -30.19 -26.77 17.35
C GLN D 137 -30.55 -28.19 17.01
N VAL D 138 -31.10 -28.38 15.82
CA VAL D 138 -31.41 -29.71 15.34
C VAL D 138 -31.01 -29.64 13.89
N GLY D 139 -30.30 -30.65 13.41
CA GLY D 139 -29.88 -30.60 12.03
C GLY D 139 -29.64 -31.96 11.42
N VAL D 140 -29.19 -31.96 10.18
CA VAL D 140 -28.92 -33.20 9.52
C VAL D 140 -27.71 -33.09 8.62
N ASP D 141 -26.87 -34.10 8.71
CA ASP D 141 -25.71 -34.21 7.88
C ASP D 141 -25.90 -35.49 7.09
N TYR D 142 -25.67 -35.40 5.78
CA TYR D 142 -25.74 -36.56 4.91
C TYR D 142 -24.30 -36.74 4.45
N LEU D 143 -23.65 -37.77 4.97
CA LEU D 143 -22.25 -38.04 4.65
C LEU D 143 -22.08 -38.81 3.33
N ILE D 144 -21.77 -38.07 2.27
CA ILE D 144 -21.58 -38.65 0.95
C ILE D 144 -20.34 -39.54 0.80
N ASN D 145 -19.19 -39.03 1.23
CA ASN D 145 -17.93 -39.75 1.14
C ASN D 145 -17.19 -39.54 2.44
N ARG D 146 -15.93 -40.00 2.44
CA ARG D 146 -15.10 -39.81 3.61
C ARG D 146 -14.63 -38.34 3.53
N ASP D 147 -15.04 -37.65 2.47
CA ASP D 147 -14.64 -36.28 2.27
C ASP D 147 -15.74 -35.21 2.30
N TRP D 148 -16.89 -35.50 1.73
CA TRP D 148 -17.96 -34.50 1.64
C TRP D 148 -19.28 -34.83 2.28
N LEU D 149 -20.08 -33.79 2.48
CA LEU D 149 -21.41 -33.93 3.03
C LEU D 149 -22.26 -32.71 2.69
N VAL D 150 -23.57 -32.87 2.79
CA VAL D 150 -24.52 -31.78 2.57
C VAL D 150 -25.22 -31.65 3.92
N ASN D 151 -25.65 -30.43 4.28
CA ASN D 151 -26.26 -30.21 5.59
C ASN D 151 -27.48 -29.28 5.66
N MET D 152 -28.33 -29.53 6.65
CA MET D 152 -29.53 -28.72 6.95
C MET D 152 -29.38 -28.42 8.42
N SER D 153 -29.93 -27.31 8.86
CA SER D 153 -29.82 -26.95 10.24
C SER D 153 -30.86 -25.88 10.65
N VAL D 154 -31.48 -26.10 11.81
CA VAL D 154 -32.45 -25.16 12.35
C VAL D 154 -31.95 -24.75 13.72
N TRP D 155 -31.73 -23.46 13.92
CA TRP D 155 -31.26 -22.98 15.22
C TRP D 155 -32.24 -22.03 15.90
N TYR D 156 -32.29 -22.13 17.22
CA TYR D 156 -33.12 -21.23 18.01
C TYR D 156 -32.16 -20.48 18.92
N MET D 157 -32.35 -19.18 19.12
CA MET D 157 -31.41 -18.44 19.95
C MET D 157 -32.04 -17.35 20.81
N ASP D 158 -31.65 -17.31 22.07
CA ASP D 158 -32.14 -16.31 23.01
C ASP D 158 -31.39 -15.01 22.83
N ILE D 159 -31.96 -14.06 22.10
CA ILE D 159 -31.27 -12.80 21.92
C ILE D 159 -32.08 -11.58 22.36
N ASP D 160 -31.90 -11.22 23.63
CA ASP D 160 -32.58 -10.08 24.22
C ASP D 160 -31.60 -8.92 24.40
N THR D 161 -32.03 -7.73 24.00
CA THR D 161 -31.20 -6.56 24.11
C THR D 161 -32.08 -5.34 24.42
N THR D 162 -31.46 -4.17 24.38
CA THR D 162 -32.17 -2.93 24.60
C THR D 162 -31.58 -1.89 23.63
N ALA D 163 -32.47 -1.21 22.90
CA ALA D 163 -32.04 -0.22 21.93
C ALA D 163 -31.94 1.13 22.59
N ASN D 164 -30.87 1.85 22.27
CA ASN D 164 -30.65 3.17 22.85
C ASN D 164 -30.53 4.19 21.74
N TYR D 165 -31.27 5.29 21.88
CA TYR D 165 -31.29 6.35 20.87
C TYR D 165 -32.04 7.55 21.44
N LYS D 166 -32.01 8.68 20.74
CA LYS D 166 -32.75 9.83 21.23
C LYS D 166 -33.93 10.12 20.30
N LEU D 167 -35.02 10.61 20.87
CA LEU D 167 -36.22 10.96 20.09
C LEU D 167 -36.32 12.45 20.26
N GLY D 168 -35.73 13.19 19.34
CA GLY D 168 -35.75 14.65 19.42
C GLY D 168 -35.15 15.10 20.73
N GLY D 169 -35.26 14.25 21.76
CA GLY D 169 -34.74 14.58 23.07
C GLY D 169 -33.66 13.68 23.62
N ALA D 170 -34.07 12.54 24.20
CA ALA D 170 -33.13 11.57 24.79
C ALA D 170 -33.79 10.23 25.15
N GLN D 171 -34.99 10.02 24.64
CA GLN D 171 -35.71 8.77 24.92
C GLN D 171 -34.83 7.67 24.31
N GLN D 172 -33.83 7.25 25.07
CA GLN D 172 -32.89 6.25 24.57
C GLN D 172 -32.97 4.87 25.15
N HIS D 173 -34.16 4.37 25.48
CA HIS D 173 -34.19 3.02 26.03
C HIS D 173 -35.43 2.18 25.78
N ASP D 174 -35.27 1.13 24.99
CA ASP D 174 -36.34 0.19 24.69
C ASP D 174 -35.75 -1.22 24.63
N SER D 175 -36.56 -2.21 24.99
CA SER D 175 -36.13 -3.60 24.96
C SER D 175 -36.46 -4.29 23.64
N VAL D 176 -35.43 -4.79 22.97
CA VAL D 176 -35.59 -5.49 21.70
C VAL D 176 -35.40 -6.98 21.92
N ARG D 177 -36.34 -7.75 21.40
CA ARG D 177 -36.29 -9.20 21.51
C ARG D 177 -36.32 -9.79 20.11
N LEU D 178 -35.18 -10.32 19.68
CA LEU D 178 -35.10 -10.94 18.37
C LEU D 178 -35.55 -12.38 18.46
N ASP D 179 -35.02 -13.12 19.44
CA ASP D 179 -35.35 -14.54 19.63
C ASP D 179 -35.64 -15.19 18.29
N PRO D 180 -34.68 -15.14 17.38
CA PRO D 180 -34.80 -15.69 16.04
C PRO D 180 -34.50 -17.17 15.83
N TRP D 181 -35.03 -17.70 14.74
CA TRP D 181 -34.74 -19.07 14.37
C TRP D 181 -33.71 -18.84 13.27
N VAL D 182 -32.70 -19.71 13.17
CA VAL D 182 -31.74 -19.52 12.08
C VAL D 182 -31.80 -20.75 11.18
N PHE D 183 -31.88 -20.53 9.87
CA PHE D 183 -31.96 -21.67 8.95
C PHE D 183 -30.72 -21.74 8.10
N MET D 184 -30.04 -22.89 8.14
CA MET D 184 -28.82 -23.08 7.37
C MET D 184 -28.78 -24.28 6.44
N PHE D 185 -28.28 -24.01 5.22
CA PHE D 185 -28.10 -25.00 4.15
C PHE D 185 -26.64 -24.90 3.75
N SER D 186 -25.96 -26.03 3.69
CA SER D 186 -24.56 -25.99 3.35
C SER D 186 -24.00 -27.29 2.83
N ALA D 187 -22.72 -27.21 2.50
CA ALA D 187 -21.94 -28.35 2.02
C ALA D 187 -20.80 -28.31 3.02
N GLY D 188 -20.26 -29.47 3.37
CA GLY D 188 -19.18 -29.52 4.33
C GLY D 188 -18.04 -30.41 3.89
N TYR D 189 -16.85 -30.09 4.35
CA TYR D 189 -15.68 -30.90 4.02
C TYR D 189 -15.16 -31.55 5.30
N ARG D 190 -14.62 -32.75 5.16
CA ARG D 190 -14.12 -33.48 6.32
C ARG D 190 -12.60 -33.57 6.35
N PHE D 191 -12.04 -33.48 7.56
CA PHE D 191 -10.59 -33.59 7.75
C PHE D 191 -10.37 -34.67 8.80
N HIS D 192 -9.71 -35.75 8.42
CA HIS D 192 -9.47 -36.88 9.30
C HIS D 192 -8.06 -36.92 9.87
N GLU E 2 2.06 -32.46 25.11
CA GLU E 2 1.39 -31.20 24.64
C GLU E 2 1.86 -30.80 23.26
N ALA E 3 3.06 -31.26 22.88
CA ALA E 3 3.57 -30.96 21.53
C ALA E 3 2.55 -31.50 20.53
N GLY E 4 2.17 -30.71 19.54
CA GLY E 4 1.20 -31.18 18.57
C GLY E 4 -0.24 -30.85 18.95
N GLU E 5 -0.41 -30.39 20.17
CA GLU E 5 -1.72 -30.04 20.68
C GLU E 5 -2.26 -28.68 20.20
N PHE E 6 -3.58 -28.62 20.07
CA PHE E 6 -4.28 -27.41 19.66
C PHE E 6 -5.42 -27.21 20.67
N PHE E 7 -5.50 -26.02 21.26
CA PHE E 7 -6.58 -25.77 22.20
C PHE E 7 -7.20 -24.40 21.94
N MET E 8 -8.50 -24.30 22.18
CA MET E 8 -9.21 -23.06 21.96
C MET E 8 -9.75 -22.51 23.28
N ARG E 9 -9.60 -21.20 23.49
CA ARG E 9 -10.12 -20.58 24.68
C ARG E 9 -11.26 -19.64 24.27
N ALA E 10 -12.29 -19.57 25.09
CA ALA E 10 -13.42 -18.67 24.82
C ALA E 10 -13.72 -17.96 26.13
N GLY E 11 -13.87 -16.65 26.06
CA GLY E 11 -14.16 -15.91 27.27
C GLY E 11 -14.21 -14.43 27.01
N SER E 12 -14.18 -13.66 28.08
CA SER E 12 -14.25 -12.21 27.97
C SER E 12 -12.89 -11.59 27.84
N ALA E 13 -12.79 -10.66 26.90
CA ALA E 13 -11.56 -9.92 26.67
C ALA E 13 -11.97 -8.47 26.90
N THR E 14 -11.24 -7.77 27.75
CA THR E 14 -11.56 -6.38 28.04
C THR E 14 -10.35 -5.48 27.68
N VAL E 15 -10.61 -4.49 26.84
CA VAL E 15 -9.62 -3.54 26.37
C VAL E 15 -9.67 -2.26 27.21
N ARG E 16 -8.53 -1.88 27.77
CA ARG E 16 -8.43 -0.70 28.59
C ARG E 16 -7.39 0.24 27.97
N PRO E 17 -7.83 1.13 27.09
CA PRO E 17 -6.94 2.08 26.43
C PRO E 17 -6.13 2.93 27.39
N THR E 18 -4.88 3.13 27.04
CA THR E 18 -3.94 3.92 27.82
C THR E 18 -3.86 5.35 27.31
N GLU E 19 -3.59 6.27 28.23
CA GLU E 19 -3.48 7.69 27.92
C GLU E 19 -2.33 7.95 26.96
N GLY E 29 -8.99 19.78 26.25
CA GLY E 29 -8.80 19.50 27.66
C GLY E 29 -8.43 18.04 27.91
N GLY E 30 -9.45 17.21 28.10
CA GLY E 30 -9.19 15.79 28.34
C GLY E 30 -9.71 14.88 27.24
N PHE E 31 -8.82 14.06 26.71
CA PHE E 31 -9.19 13.14 25.64
C PHE E 31 -9.33 11.75 26.23
N SER E 32 -10.52 11.44 26.75
CA SER E 32 -10.78 10.13 27.37
C SER E 32 -11.38 9.12 26.39
N VAL E 33 -11.18 7.84 26.70
CA VAL E 33 -11.68 6.73 25.89
C VAL E 33 -12.09 5.59 26.78
N THR E 34 -13.37 5.26 26.78
CA THR E 34 -13.88 4.19 27.63
C THR E 34 -13.33 2.78 27.39
N ASN E 35 -13.48 1.94 28.40
CA ASN E 35 -13.04 0.56 28.32
C ASN E 35 -14.22 -0.20 27.74
N ASN E 36 -13.96 -1.30 27.06
CA ASN E 36 -15.00 -2.10 26.49
C ASN E 36 -14.56 -3.55 26.56
N THR E 37 -15.53 -4.41 26.85
CA THR E 37 -15.33 -5.84 26.99
C THR E 37 -16.14 -6.61 25.94
N GLN E 38 -15.48 -7.49 25.19
CA GLN E 38 -16.13 -8.25 24.13
C GLN E 38 -15.75 -9.72 24.19
N LEU E 39 -16.32 -10.52 23.29
CA LEU E 39 -16.01 -11.95 23.23
C LEU E 39 -14.57 -12.16 22.79
N GLY E 40 -13.84 -12.95 23.57
CA GLY E 40 -12.45 -13.23 23.25
C GLY E 40 -12.27 -14.67 22.86
N LEU E 41 -11.50 -14.90 21.82
CA LEU E 41 -11.23 -16.27 21.36
C LEU E 41 -9.76 -16.39 20.98
N THR E 42 -9.12 -17.44 21.45
CA THR E 42 -7.72 -17.64 21.10
C THR E 42 -7.55 -19.07 20.60
N PHE E 43 -6.77 -19.23 19.52
CA PHE E 43 -6.49 -20.54 18.91
C PHE E 43 -4.98 -20.71 19.08
N THR E 44 -4.55 -21.80 19.70
CA THR E 44 -3.14 -21.99 19.92
C THR E 44 -2.63 -23.38 19.58
N TYR E 45 -1.38 -23.44 19.13
CA TYR E 45 -0.78 -24.72 18.78
C TYR E 45 0.59 -24.87 19.44
N MET E 46 0.90 -26.08 19.90
CA MET E 46 2.19 -26.33 20.54
C MET E 46 3.31 -26.72 19.57
N ALA E 47 4.27 -25.82 19.39
CA ALA E 47 5.41 -26.14 18.55
C ALA E 47 6.05 -27.33 19.28
N THR E 48 6.34 -27.14 20.57
CA THR E 48 6.93 -28.19 21.38
C THR E 48 6.11 -28.30 22.65
N ASP E 49 6.69 -28.84 23.71
CA ASP E 49 5.95 -28.95 24.98
C ASP E 49 5.93 -27.61 25.70
N ASN E 50 6.69 -26.63 25.21
CA ASN E 50 6.71 -25.31 25.85
C ASN E 50 6.48 -24.14 24.89
N ILE E 51 6.84 -24.31 23.60
CA ILE E 51 6.66 -23.22 22.63
C ILE E 51 5.30 -23.30 21.97
N GLY E 52 4.57 -22.19 22.04
CA GLY E 52 3.24 -22.15 21.46
C GLY E 52 3.06 -21.03 20.45
N VAL E 53 2.10 -21.24 19.56
CA VAL E 53 1.75 -20.30 18.51
C VAL E 53 0.27 -20.02 18.75
N GLU E 54 -0.04 -18.73 18.95
CA GLU E 54 -1.39 -18.31 19.27
C GLU E 54 -1.93 -17.10 18.53
N LEU E 55 -3.20 -17.17 18.16
CA LEU E 55 -3.90 -16.09 17.48
C LEU E 55 -5.07 -15.65 18.39
N LEU E 56 -5.16 -14.36 18.68
CA LEU E 56 -6.27 -13.85 19.47
C LEU E 56 -7.31 -13.20 18.55
N ALA E 57 -8.57 -13.58 18.72
CA ALA E 57 -9.61 -13.01 17.90
C ALA E 57 -10.73 -12.51 18.81
N ALA E 58 -11.44 -11.48 18.34
CA ALA E 58 -12.53 -10.91 19.11
C ALA E 58 -13.63 -10.32 18.22
N THR E 59 -14.82 -10.20 18.80
CA THR E 59 -15.95 -9.59 18.14
C THR E 59 -15.53 -8.11 18.10
N PRO E 60 -16.19 -7.27 17.31
CA PRO E 60 -15.68 -5.88 17.35
C PRO E 60 -15.89 -5.08 18.65
N PHE E 61 -14.86 -4.35 19.08
CA PHE E 61 -14.95 -3.52 20.29
C PHE E 61 -15.57 -2.16 19.95
N ARG E 62 -16.21 -1.54 20.94
CA ARG E 62 -16.85 -0.25 20.76
C ARG E 62 -16.45 0.68 21.92
N HIS E 63 -15.86 1.82 21.60
CA HIS E 63 -15.42 2.79 22.60
C HIS E 63 -16.07 4.17 22.38
N LYS E 64 -16.19 4.94 23.46
CA LYS E 64 -16.74 6.29 23.38
C LYS E 64 -15.61 7.24 23.64
N ILE E 65 -15.55 8.31 22.88
CA ILE E 65 -14.51 9.32 23.07
C ILE E 65 -15.17 10.60 23.58
N GLY E 66 -14.39 11.43 24.28
CA GLY E 66 -14.95 12.66 24.79
C GLY E 66 -14.03 13.42 25.71
N THR E 67 -14.58 14.50 26.27
CA THR E 67 -13.87 15.38 27.19
C THR E 67 -14.77 15.69 28.40
N ARG E 68 -14.22 16.38 29.38
CA ARG E 68 -14.94 16.72 30.63
C ARG E 68 -16.25 17.46 30.45
N ALA E 69 -16.18 18.66 29.85
CA ALA E 69 -17.38 19.46 29.65
C ALA E 69 -18.45 18.68 28.90
N THR E 70 -18.32 18.67 27.58
CA THR E 70 -19.23 18.00 26.65
C THR E 70 -19.60 16.54 26.94
N GLY E 71 -18.60 15.74 27.26
CA GLY E 71 -18.87 14.33 27.50
C GLY E 71 -18.62 13.59 26.19
N ASP E 72 -19.39 12.55 25.92
CA ASP E 72 -19.20 11.78 24.69
C ASP E 72 -19.45 12.62 23.44
N ILE E 73 -18.65 12.38 22.40
CA ILE E 73 -18.79 13.12 21.15
C ILE E 73 -18.65 12.21 19.94
N ALA E 74 -18.34 10.93 20.19
CA ALA E 74 -18.18 9.98 19.10
C ALA E 74 -17.98 8.57 19.61
N THR E 75 -18.17 7.60 18.73
CA THR E 75 -17.99 6.21 19.09
C THR E 75 -17.13 5.54 18.02
N VAL E 76 -16.23 4.67 18.47
CA VAL E 76 -15.33 3.96 17.59
C VAL E 76 -15.31 2.46 17.85
N HIS E 77 -15.10 1.69 16.77
CA HIS E 77 -15.03 0.22 16.85
C HIS E 77 -13.71 -0.22 16.18
N HIS E 78 -13.24 -1.40 16.54
CA HIS E 78 -12.03 -1.95 15.94
C HIS E 78 -11.89 -3.46 16.22
N LEU E 79 -11.08 -4.09 15.39
CA LEU E 79 -10.76 -5.50 15.54
C LEU E 79 -9.24 -5.48 15.79
N PRO E 80 -8.80 -6.07 16.90
CA PRO E 80 -7.38 -6.09 17.22
C PRO E 80 -6.71 -7.50 17.08
N PRO E 81 -6.98 -8.21 15.96
CA PRO E 81 -6.37 -9.53 15.82
C PRO E 81 -4.90 -9.51 16.18
N THR E 82 -4.45 -10.52 16.92
CA THR E 82 -3.06 -10.56 17.34
C THR E 82 -2.44 -11.94 17.16
N LEU E 83 -1.19 -11.96 16.73
CA LEU E 83 -0.49 -13.20 16.48
C LEU E 83 0.66 -13.30 17.46
N MET E 84 0.76 -14.42 18.15
CA MET E 84 1.80 -14.58 19.18
C MET E 84 2.64 -15.88 19.19
N ALA E 85 3.88 -15.70 19.65
CA ALA E 85 4.82 -16.79 19.84
C ALA E 85 4.89 -16.85 21.38
N GLN E 86 4.69 -18.02 21.95
CA GLN E 86 4.64 -18.12 23.41
C GLN E 86 5.59 -19.12 24.07
N TRP E 87 5.70 -19.00 25.39
CA TRP E 87 6.50 -19.91 26.16
C TRP E 87 5.75 -20.28 27.46
N TYR E 88 5.39 -21.56 27.56
CA TYR E 88 4.68 -22.10 28.70
C TYR E 88 5.63 -22.72 29.70
N PHE E 89 5.54 -22.28 30.95
CA PHE E 89 6.41 -22.82 31.99
C PHE E 89 6.00 -24.22 32.46
N GLY E 90 6.85 -24.84 33.27
CA GLY E 90 6.58 -26.19 33.76
C GLY E 90 6.81 -27.14 32.63
N ASP E 91 6.04 -28.22 32.59
CA ASP E 91 6.15 -29.19 31.51
C ASP E 91 4.78 -29.68 31.03
N ALA E 92 4.77 -30.67 30.16
CA ALA E 92 3.52 -31.19 29.59
C ALA E 92 2.56 -31.77 30.62
N SER E 93 3.08 -32.13 31.78
CA SER E 93 2.24 -32.72 32.82
C SER E 93 1.82 -31.73 33.90
N SER E 94 2.36 -30.52 33.85
CA SER E 94 1.99 -29.48 34.82
C SER E 94 0.51 -29.13 34.70
N LYS E 95 -0.18 -29.05 35.82
CA LYS E 95 -1.60 -28.71 35.81
C LYS E 95 -1.73 -27.20 35.85
N PHE E 96 -0.62 -26.56 36.19
CA PHE E 96 -0.58 -25.13 36.34
C PHE E 96 0.56 -24.56 35.49
N ARG E 97 0.22 -23.91 34.37
CA ARG E 97 1.25 -23.38 33.50
C ARG E 97 1.18 -21.92 33.10
N PRO E 98 1.91 -21.05 33.81
CA PRO E 98 1.86 -19.64 33.45
C PRO E 98 2.59 -19.53 32.11
N TYR E 99 2.46 -18.41 31.42
CA TYR E 99 3.15 -18.30 30.16
C TYR E 99 3.42 -16.85 29.77
N VAL E 100 4.32 -16.65 28.81
CA VAL E 100 4.63 -15.30 28.32
C VAL E 100 4.69 -15.34 26.79
N GLY E 101 4.33 -14.24 26.16
CA GLY E 101 4.36 -14.23 24.71
C GLY E 101 4.67 -12.85 24.22
N ALA E 102 5.13 -12.79 22.96
CA ALA E 102 5.52 -11.54 22.29
C ALA E 102 5.04 -11.73 20.86
N GLY E 103 4.54 -10.67 20.23
CA GLY E 103 4.06 -10.81 18.88
C GLY E 103 3.73 -9.52 18.18
N ILE E 104 2.90 -9.62 17.15
CA ILE E 104 2.49 -8.49 16.36
C ILE E 104 0.98 -8.35 16.37
N ASN E 105 0.51 -7.12 16.47
CA ASN E 105 -0.93 -6.84 16.49
C ASN E 105 -1.33 -5.99 15.29
N TYR E 106 -2.54 -6.19 14.82
CA TYR E 106 -3.07 -5.39 13.73
C TYR E 106 -4.48 -5.01 14.13
N THR E 107 -4.73 -3.71 14.10
CA THR E 107 -6.04 -3.18 14.51
C THR E 107 -6.68 -2.28 13.47
N THR E 108 -7.93 -2.58 13.12
CA THR E 108 -8.66 -1.77 12.15
C THR E 108 -9.90 -1.15 12.77
N PHE E 109 -10.04 0.15 12.58
CA PHE E 109 -11.17 0.87 13.11
C PHE E 109 -12.26 1.00 12.05
N PHE E 110 -13.50 0.84 12.47
CA PHE E 110 -14.61 0.97 11.55
C PHE E 110 -15.88 1.30 12.32
N ASP E 111 -16.84 1.87 11.60
CA ASP E 111 -18.09 2.30 12.16
C ASP E 111 -17.79 3.35 13.21
N ASN E 112 -17.18 4.45 12.75
CA ASN E 112 -16.80 5.57 13.61
C ASN E 112 -17.64 6.76 13.22
N GLY E 113 -18.27 7.39 14.20
CA GLY E 113 -19.08 8.55 13.92
C GLY E 113 -19.23 9.42 15.14
N PHE E 114 -19.44 10.70 14.94
CA PHE E 114 -19.62 11.61 16.07
C PHE E 114 -21.11 11.57 16.43
N ASN E 115 -21.44 11.81 17.68
CA ASN E 115 -22.84 11.82 18.12
C ASN E 115 -23.51 13.18 17.84
N ASP E 116 -24.72 13.38 18.33
CA ASP E 116 -25.39 14.65 18.11
C ASP E 116 -24.53 15.78 18.67
N HIS E 117 -23.94 15.53 19.83
CA HIS E 117 -23.10 16.52 20.49
C HIS E 117 -21.88 16.85 19.62
N GLY E 118 -21.25 15.83 19.06
CA GLY E 118 -20.10 16.07 18.20
C GLY E 118 -20.52 16.93 17.00
N LYS E 119 -21.66 16.59 16.39
CA LYS E 119 -22.14 17.34 15.25
C LYS E 119 -22.50 18.78 15.66
N GLU E 120 -23.14 18.93 16.82
CA GLU E 120 -23.51 20.26 17.29
C GLU E 120 -22.28 21.13 17.44
N ALA E 121 -21.13 20.50 17.64
CA ALA E 121 -19.86 21.22 17.77
C ALA E 121 -19.18 21.42 16.41
N GLY E 122 -19.77 20.89 15.35
CA GLY E 122 -19.19 21.05 14.03
C GLY E 122 -18.35 19.91 13.53
N LEU E 123 -18.49 18.74 14.15
CA LEU E 123 -17.70 17.56 13.77
C LEU E 123 -18.43 16.60 12.81
N SER E 124 -17.66 16.10 11.85
CA SER E 124 -18.15 15.16 10.84
C SER E 124 -16.99 14.45 10.17
N ASP E 125 -17.34 13.53 9.27
CA ASP E 125 -16.37 12.74 8.50
C ASP E 125 -15.24 12.17 9.35
N LEU E 126 -15.57 11.29 10.29
CA LEU E 126 -14.58 10.69 11.18
C LEU E 126 -14.15 9.30 10.73
N SER E 127 -12.86 9.00 10.92
CA SER E 127 -12.30 7.70 10.59
C SER E 127 -10.88 7.67 11.11
N LEU E 128 -10.40 6.47 11.45
CA LEU E 128 -9.04 6.30 11.96
C LEU E 128 -8.34 5.34 11.03
N LYS E 129 -7.05 5.53 10.80
CA LYS E 129 -6.32 4.65 9.90
C LYS E 129 -5.81 3.43 10.66
N ASP E 130 -5.61 2.35 9.93
CA ASP E 130 -5.16 1.10 10.51
C ASP E 130 -3.83 1.23 11.24
N SER E 131 -3.52 0.24 12.09
CA SER E 131 -2.31 0.25 12.90
C SER E 131 -1.69 -1.12 13.11
N TRP E 132 -0.36 -1.17 13.14
CA TRP E 132 0.41 -2.41 13.40
C TRP E 132 1.32 -2.11 14.61
N GLY E 133 1.62 -3.11 15.41
CA GLY E 133 2.48 -2.83 16.55
C GLY E 133 2.86 -4.03 17.39
N ALA E 134 3.90 -3.84 18.21
CA ALA E 134 4.40 -4.89 19.10
C ALA E 134 3.31 -5.26 20.10
N ALA E 135 3.38 -6.47 20.65
CA ALA E 135 2.42 -6.93 21.63
C ALA E 135 3.13 -7.90 22.57
N GLY E 136 2.78 -7.82 23.86
CA GLY E 136 3.36 -8.69 24.85
C GLY E 136 2.23 -9.33 25.63
N GLN E 137 2.48 -10.47 26.27
CA GLN E 137 1.44 -11.12 27.05
C GLN E 137 2.00 -12.00 28.16
N VAL E 138 1.25 -12.12 29.23
CA VAL E 138 1.62 -12.99 30.33
C VAL E 138 0.27 -13.57 30.73
N GLY E 139 0.23 -14.87 30.94
CA GLY E 139 -1.02 -15.47 31.32
C GLY E 139 -0.88 -16.75 32.09
N VAL E 140 -2.02 -17.36 32.40
CA VAL E 140 -1.99 -18.59 33.12
C VAL E 140 -3.08 -19.54 32.67
N ASP E 141 -2.69 -20.79 32.48
CA ASP E 141 -3.62 -21.83 32.10
C ASP E 141 -3.58 -22.81 33.24
N TYR E 142 -4.75 -23.26 33.67
CA TYR E 142 -4.84 -24.26 34.70
C TYR E 142 -5.48 -25.42 33.98
N LEU E 143 -4.69 -26.46 33.74
CA LEU E 143 -5.15 -27.65 33.02
C LEU E 143 -5.86 -28.64 33.91
N ILE E 144 -7.19 -28.59 33.89
CA ILE E 144 -8.03 -29.46 34.71
C ILE E 144 -8.01 -30.94 34.29
N ASN E 145 -8.20 -31.20 33.00
CA ASN E 145 -8.21 -32.56 32.47
C ASN E 145 -7.42 -32.55 31.17
N ARG E 146 -7.47 -33.68 30.48
CA ARG E 146 -6.83 -33.79 29.20
C ARG E 146 -7.75 -33.05 28.24
N ASP E 147 -8.89 -32.59 28.75
CA ASP E 147 -9.86 -31.90 27.91
C ASP E 147 -10.13 -30.42 28.18
N TRP E 148 -10.18 -30.03 29.45
CA TRP E 148 -10.49 -28.64 29.80
C TRP E 148 -9.46 -27.85 30.59
N LEU E 149 -9.63 -26.54 30.57
CA LEU E 149 -8.77 -25.65 31.32
C LEU E 149 -9.48 -24.30 31.53
N VAL E 150 -9.02 -23.54 32.51
CA VAL E 150 -9.54 -22.19 32.78
C VAL E 150 -8.31 -21.30 32.54
N ASN E 151 -8.53 -20.05 32.14
CA ASN E 151 -7.41 -19.18 31.80
C ASN E 151 -7.52 -17.72 32.22
N MET E 152 -6.37 -17.09 32.40
CA MET E 152 -6.25 -15.66 32.76
C MET E 152 -5.23 -15.14 31.77
N SER E 153 -5.32 -13.87 31.42
CA SER E 153 -4.37 -13.33 30.46
C SER E 153 -4.33 -11.82 30.51
N VAL E 154 -3.12 -11.26 30.45
CA VAL E 154 -2.93 -9.80 30.45
C VAL E 154 -2.13 -9.46 29.22
N TRP E 155 -2.67 -8.62 28.35
CA TRP E 155 -1.98 -8.26 27.12
C TRP E 155 -1.67 -6.78 27.04
N TYR E 156 -0.52 -6.47 26.44
CA TYR E 156 -0.14 -5.09 26.24
C TYR E 156 0.00 -4.95 24.73
N MET E 157 -0.45 -3.82 24.17
CA MET E 157 -0.40 -3.67 22.73
C MET E 157 -0.12 -2.26 22.21
N ASP E 158 0.84 -2.17 21.30
CA ASP E 158 1.23 -0.89 20.69
C ASP E 158 0.24 -0.48 19.63
N ILE E 159 -0.73 0.37 19.97
CA ILE E 159 -1.71 0.79 18.99
C ILE E 159 -1.76 2.30 18.77
N ASP E 160 -0.95 2.76 17.83
CA ASP E 160 -0.88 4.18 17.48
C ASP E 160 -1.57 4.43 16.14
N THR E 161 -2.40 5.46 16.11
CA THR E 161 -3.12 5.80 14.90
C THR E 161 -3.27 7.31 14.80
N THR E 162 -4.07 7.74 13.83
CA THR E 162 -4.35 9.15 13.65
C THR E 162 -5.82 9.26 13.23
N ALA E 163 -6.56 10.13 13.93
CA ALA E 163 -7.97 10.31 13.65
C ALA E 163 -8.17 11.40 12.60
N ASN E 164 -9.04 11.14 11.64
CA ASN E 164 -9.28 12.09 10.58
C ASN E 164 -10.76 12.47 10.59
N TYR E 165 -11.02 13.77 10.51
CA TYR E 165 -12.38 14.30 10.56
C TYR E 165 -12.35 15.80 10.26
N LYS E 166 -13.51 16.41 10.06
CA LYS E 166 -13.52 17.84 9.79
C LYS E 166 -14.16 18.57 10.99
N LEU E 167 -13.66 19.77 11.28
CA LEU E 167 -14.19 20.58 12.36
C LEU E 167 -14.79 21.78 11.64
N GLY E 168 -16.09 21.69 11.34
CA GLY E 168 -16.76 22.76 10.63
C GLY E 168 -16.06 23.03 9.33
N GLY E 169 -14.76 22.74 9.28
CA GLY E 169 -13.98 22.99 8.09
C GLY E 169 -13.32 21.80 7.45
N ALA E 170 -12.14 21.39 7.97
CA ALA E 170 -11.41 20.24 7.46
C ALA E 170 -10.26 19.79 8.36
N GLN E 171 -10.28 20.28 9.61
CA GLN E 171 -9.23 19.92 10.57
C GLN E 171 -9.38 18.42 10.76
N GLN E 172 -8.78 17.66 9.84
CA GLN E 172 -8.90 16.22 9.88
C GLN E 172 -7.69 15.41 10.29
N HIS E 173 -6.87 15.90 11.22
CA HIS E 173 -5.72 15.10 11.59
C HIS E 173 -5.18 15.22 13.01
N ASP E 174 -5.35 14.17 13.79
CA ASP E 174 -4.84 14.11 15.15
C ASP E 174 -4.31 12.70 15.41
N SER E 175 -3.32 12.60 16.28
CA SER E 175 -2.73 11.32 16.64
C SER E 175 -3.38 10.69 17.87
N VAL E 176 -3.94 9.50 17.68
CA VAL E 176 -4.57 8.78 18.78
C VAL E 176 -3.67 7.65 19.24
N ARG E 177 -3.48 7.57 20.55
CA ARG E 177 -2.67 6.52 21.14
C ARG E 177 -3.50 5.76 22.13
N LEU E 178 -3.85 4.51 21.78
CA LEU E 178 -4.63 3.69 22.68
C LEU E 178 -3.70 2.96 23.64
N ASP E 179 -2.65 2.35 23.10
CA ASP E 179 -1.68 1.57 23.91
C ASP E 179 -2.38 0.95 25.09
N PRO E 180 -3.41 0.15 24.85
CA PRO E 180 -4.20 -0.53 25.86
C PRO E 180 -3.67 -1.84 26.44
N TRP E 181 -4.18 -2.17 27.62
CA TRP E 181 -3.84 -3.43 28.25
C TRP E 181 -5.11 -4.22 27.95
N VAL E 182 -5.00 -5.51 27.69
CA VAL E 182 -6.23 -6.27 27.46
C VAL E 182 -6.32 -7.35 28.53
N PHE E 183 -7.48 -7.46 29.16
CA PHE E 183 -7.65 -8.47 30.20
C PHE E 183 -8.63 -9.57 29.77
N MET E 184 -8.16 -10.81 29.80
CA MET E 184 -8.99 -11.94 29.39
C MET E 184 -9.15 -13.06 30.40
N PHE E 185 -10.39 -13.50 30.52
CA PHE E 185 -10.81 -14.60 31.40
C PHE E 185 -11.55 -15.58 30.50
N SER E 186 -11.19 -16.85 30.57
CA SER E 186 -11.84 -17.82 29.69
C SER E 186 -11.74 -19.24 30.18
N ALA E 187 -12.36 -20.11 29.39
CA ALA E 187 -12.35 -21.54 29.61
C ALA E 187 -11.82 -21.99 28.24
N GLY E 188 -11.08 -23.09 28.23
CA GLY E 188 -10.54 -23.56 26.96
C GLY E 188 -10.73 -25.05 26.80
N TYR E 189 -10.77 -25.49 25.55
CA TYR E 189 -10.93 -26.91 25.26
C TYR E 189 -9.67 -27.37 24.54
N ARG E 190 -9.29 -28.62 24.78
CA ARG E 190 -8.10 -29.16 24.16
C ARG E 190 -8.38 -30.21 23.08
N PHE E 191 -7.58 -30.20 22.03
CA PHE E 191 -7.72 -31.17 20.94
C PHE E 191 -6.36 -31.82 20.76
N HIS E 192 -6.28 -33.12 20.99
CA HIS E 192 -5.02 -33.85 20.87
C HIS E 192 -4.88 -34.64 19.58
N GLU F 2 25.04 -3.16 -37.09
CA GLU F 2 24.82 -2.31 -35.88
C GLU F 2 23.70 -1.33 -36.10
N ALA F 3 23.41 -1.01 -37.36
CA ALA F 3 22.30 -0.10 -37.67
C ALA F 3 21.03 -0.72 -37.06
N GLY F 4 20.25 0.08 -36.33
CA GLY F 4 19.04 -0.45 -35.74
C GLY F 4 19.25 -0.99 -34.34
N GLU F 5 20.51 -1.10 -33.94
CA GLU F 5 20.86 -1.58 -32.62
C GLU F 5 20.69 -0.55 -31.49
N PHE F 6 20.36 -1.08 -30.31
CA PHE F 6 20.18 -0.31 -29.10
C PHE F 6 21.00 -1.00 -28.01
N PHE F 7 21.86 -0.25 -27.34
CA PHE F 7 22.64 -0.85 -26.27
C PHE F 7 22.66 0.06 -25.05
N MET F 8 22.69 -0.55 -23.87
CA MET F 8 22.71 0.21 -22.63
C MET F 8 24.03 -0.02 -21.88
N ARG F 9 24.60 1.07 -21.35
CA ARG F 9 25.81 0.95 -20.58
C ARG F 9 25.49 1.30 -19.14
N ALA F 10 26.10 0.60 -18.20
CA ALA F 10 25.90 0.91 -16.77
C ALA F 10 27.29 0.93 -16.15
N GLY F 11 27.57 1.96 -15.37
CA GLY F 11 28.86 2.05 -14.73
C GLY F 11 29.00 3.33 -13.94
N SER F 12 30.23 3.63 -13.56
CA SER F 12 30.50 4.82 -12.78
C SER F 12 30.77 6.01 -13.65
N ALA F 13 30.16 7.13 -13.27
CA ALA F 13 30.34 8.38 -13.98
C ALA F 13 30.88 9.32 -12.88
N THR F 14 31.99 9.97 -13.15
CA THR F 14 32.60 10.87 -12.18
C THR F 14 32.70 12.28 -12.77
N VAL F 15 32.13 13.24 -12.06
CA VAL F 15 32.10 14.65 -12.45
C VAL F 15 33.24 15.41 -11.77
N ARG F 16 34.06 16.07 -12.57
CA ARG F 16 35.18 16.85 -12.03
C ARG F 16 35.03 18.29 -12.48
N PRO F 17 34.36 19.10 -11.65
CA PRO F 17 34.15 20.51 -11.96
C PRO F 17 35.42 21.29 -12.21
N THR F 18 35.35 22.16 -13.20
CA THR F 18 36.46 23.00 -13.61
C THR F 18 36.38 24.37 -12.97
N GLU F 19 37.55 24.96 -12.73
CA GLU F 19 37.66 26.28 -12.11
C GLU F 19 37.00 27.35 -12.99
N GLY F 29 38.43 34.15 -1.30
CA GLY F 29 39.72 33.55 -1.59
C GLY F 29 39.62 32.44 -2.64
N GLY F 30 39.41 31.22 -2.18
CA GLY F 30 39.30 30.10 -3.11
C GLY F 30 37.92 29.46 -3.12
N PHE F 31 37.34 29.37 -4.31
CA PHE F 31 36.01 28.79 -4.47
C PHE F 31 36.18 27.39 -5.03
N SER F 32 36.38 26.41 -4.15
CA SER F 32 36.58 25.01 -4.58
C SER F 32 35.28 24.21 -4.58
N VAL F 33 35.25 23.15 -5.39
CA VAL F 33 34.10 22.27 -5.52
C VAL F 33 34.56 20.85 -5.74
N THR F 34 34.27 19.98 -4.79
CA THR F 34 34.70 18.58 -4.88
C THR F 34 34.17 17.76 -6.06
N ASN F 35 34.88 16.68 -6.34
CA ASN F 35 34.49 15.78 -7.42
C ASN F 35 33.56 14.78 -6.78
N ASN F 36 32.66 14.22 -7.58
CA ASN F 36 31.72 13.25 -7.08
C ASN F 36 31.47 12.24 -8.19
N THR F 37 31.35 10.99 -7.77
CA THR F 37 31.13 9.86 -8.67
C THR F 37 29.78 9.19 -8.37
N GLN F 38 28.95 9.01 -9.38
CA GLN F 38 27.63 8.41 -9.20
C GLN F 38 27.34 7.35 -10.28
N LEU F 39 26.18 6.72 -10.19
CA LEU F 39 25.79 5.71 -11.18
C LEU F 39 25.55 6.36 -12.53
N GLY F 40 26.21 5.82 -13.55
CA GLY F 40 26.06 6.35 -14.90
C GLY F 40 25.33 5.37 -15.78
N LEU F 41 24.41 5.88 -16.57
CA LEU F 41 23.65 5.03 -17.49
C LEU F 41 23.51 5.75 -18.83
N THR F 42 23.77 5.03 -19.91
CA THR F 42 23.62 5.64 -21.23
C THR F 42 22.77 4.70 -22.10
N PHE F 43 21.85 5.28 -22.86
CA PHE F 43 20.96 4.52 -23.76
C PHE F 43 21.32 5.05 -25.15
N THR F 44 21.68 4.16 -26.06
CA THR F 44 22.08 4.61 -27.37
C THR F 44 21.46 3.81 -28.51
N TYR F 45 21.22 4.51 -29.62
CA TYR F 45 20.66 3.85 -30.80
C TYR F 45 21.48 4.17 -32.06
N MET F 46 21.62 3.17 -32.93
CA MET F 46 22.38 3.36 -34.16
C MET F 46 21.55 3.88 -35.34
N ALA F 47 21.79 5.13 -35.72
CA ALA F 47 21.09 5.68 -36.87
C ALA F 47 21.57 4.77 -38.01
N THR F 48 22.89 4.65 -38.15
CA THR F 48 23.47 3.82 -39.18
C THR F 48 24.51 2.93 -38.52
N ASP F 49 25.47 2.41 -39.27
CA ASP F 49 26.51 1.58 -38.68
C ASP F 49 27.55 2.44 -37.98
N ASN F 50 27.48 3.76 -38.15
CA ASN F 50 28.46 4.65 -37.51
C ASN F 50 27.82 5.81 -36.73
N ILE F 51 26.61 6.26 -37.14
CA ILE F 51 25.95 7.36 -36.45
C ILE F 51 25.08 6.88 -35.31
N GLY F 52 25.32 7.42 -34.12
CA GLY F 52 24.56 7.01 -32.96
C GLY F 52 23.88 8.16 -32.25
N VAL F 53 22.82 7.83 -31.54
CA VAL F 53 22.03 8.76 -30.77
C VAL F 53 22.08 8.21 -29.35
N GLU F 54 22.56 9.06 -28.43
CA GLU F 54 22.74 8.67 -27.05
C GLU F 54 22.29 9.65 -25.98
N LEU F 55 21.70 9.11 -24.93
CA LEU F 55 21.25 9.88 -23.78
C LEU F 55 22.02 9.39 -22.54
N LEU F 56 22.62 10.32 -21.81
CA LEU F 56 23.35 9.95 -20.59
C LEU F 56 22.48 10.29 -19.37
N ALA F 57 22.32 9.34 -18.47
CA ALA F 57 21.53 9.57 -17.29
C ALA F 57 22.33 9.16 -16.07
N ALA F 58 22.04 9.80 -14.94
CA ALA F 58 22.75 9.53 -13.70
C ALA F 58 21.88 9.78 -12.47
N THR F 59 22.27 9.14 -11.36
CA THR F 59 21.62 9.30 -10.08
C THR F 59 22.05 10.72 -9.71
N PRO F 60 21.42 11.36 -8.72
CA PRO F 60 21.92 12.73 -8.48
C PRO F 60 23.33 12.87 -7.87
N PHE F 61 24.10 13.83 -8.40
CA PHE F 61 25.46 14.07 -7.89
C PHE F 61 25.40 15.00 -6.68
N ARG F 62 26.39 14.90 -5.80
CA ARG F 62 26.47 15.72 -4.59
C ARG F 62 27.89 16.30 -4.46
N HIS F 63 28.00 17.62 -4.40
CA HIS F 63 29.29 18.30 -4.28
C HIS F 63 29.35 19.20 -3.05
N LYS F 64 30.56 19.42 -2.54
CA LYS F 64 30.75 20.30 -1.39
C LYS F 64 31.45 21.53 -1.89
N ILE F 65 31.03 22.69 -1.41
CA ILE F 65 31.65 23.94 -1.80
C ILE F 65 32.38 24.52 -0.58
N GLY F 66 33.39 25.35 -0.84
CA GLY F 66 34.12 25.94 0.27
C GLY F 66 35.35 26.69 -0.14
N THR F 67 36.08 27.14 0.88
CA THR F 67 37.31 27.92 0.72
C THR F 67 38.38 27.35 1.66
N ARG F 68 39.61 27.87 1.54
CA ARG F 68 40.75 27.41 2.35
C ARG F 68 40.56 27.47 3.86
N ALA F 69 40.34 28.67 4.38
CA ALA F 69 40.16 28.82 5.84
C ALA F 69 39.06 27.90 6.35
N THR F 70 37.82 28.39 6.23
CA THR F 70 36.61 27.71 6.68
C THR F 70 36.42 26.25 6.26
N GLY F 71 36.68 25.95 4.99
CA GLY F 71 36.48 24.60 4.52
C GLY F 71 35.08 24.52 3.92
N ASP F 72 34.41 23.39 4.07
CA ASP F 72 33.08 23.23 3.50
C ASP F 72 32.07 24.20 4.13
N ILE F 73 31.16 24.72 3.30
CA ILE F 73 30.15 25.65 3.79
C ILE F 73 28.78 25.35 3.20
N ALA F 74 28.72 24.38 2.30
CA ALA F 74 27.45 24.02 1.67
C ALA F 74 27.59 22.80 0.79
N THR F 75 26.45 22.18 0.47
CA THR F 75 26.46 21.02 -0.39
C THR F 75 25.42 21.22 -1.47
N VAL F 76 25.74 20.78 -2.68
CA VAL F 76 24.87 20.90 -3.84
C VAL F 76 24.70 19.59 -4.61
N HIS F 77 23.51 19.41 -5.17
CA HIS F 77 23.21 18.22 -5.97
C HIS F 77 22.66 18.68 -7.35
N HIS F 78 22.76 17.83 -8.35
CA HIS F 78 22.25 18.14 -9.67
C HIS F 78 22.14 16.88 -10.54
N LEU F 79 21.30 17.00 -11.56
CA LEU F 79 21.13 15.95 -12.55
C LEU F 79 21.62 16.61 -13.85
N PRO F 80 22.58 15.98 -14.52
CA PRO F 80 23.12 16.52 -15.76
C PRO F 80 22.72 15.72 -17.04
N PRO F 81 21.43 15.37 -17.17
CA PRO F 81 21.03 14.61 -18.36
C PRO F 81 21.62 15.22 -19.63
N THR F 82 22.13 14.37 -20.51
CA THR F 82 22.74 14.86 -21.73
C THR F 82 22.30 14.08 -22.95
N LEU F 83 22.10 14.79 -24.05
CA LEU F 83 21.64 14.17 -25.29
C LEU F 83 22.74 14.33 -26.32
N MET F 84 23.10 13.23 -26.97
CA MET F 84 24.21 13.26 -27.94
C MET F 84 24.03 12.59 -29.31
N ALA F 85 24.72 13.17 -30.29
CA ALA F 85 24.76 12.67 -31.66
C ALA F 85 26.21 12.17 -31.72
N GLN F 86 26.39 10.92 -32.13
CA GLN F 86 27.74 10.36 -32.13
C GLN F 86 28.25 9.78 -33.44
N TRP F 87 29.55 9.51 -33.46
CA TRP F 87 30.18 8.90 -34.61
C TRP F 87 31.18 7.82 -34.14
N TYR F 88 30.86 6.57 -34.46
CA TYR F 88 31.68 5.42 -34.11
C TYR F 88 32.63 5.04 -35.23
N PHE F 89 33.91 4.95 -34.92
CA PHE F 89 34.91 4.59 -35.93
C PHE F 89 34.90 3.10 -36.28
N GLY F 90 35.64 2.75 -37.33
CA GLY F 90 35.70 1.36 -37.77
C GLY F 90 34.40 1.03 -38.45
N ASP F 91 33.94 -0.20 -38.31
CA ASP F 91 32.66 -0.59 -38.92
C ASP F 91 31.86 -1.51 -37.98
N ALA F 92 30.76 -2.03 -38.48
CA ALA F 92 29.87 -2.88 -37.67
C ALA F 92 30.52 -4.14 -37.12
N SER F 93 31.62 -4.57 -37.73
CA SER F 93 32.31 -5.77 -37.30
C SER F 93 33.52 -5.50 -36.41
N SER F 94 33.89 -4.23 -36.28
CA SER F 94 35.04 -3.85 -35.43
C SER F 94 34.77 -4.24 -33.97
N LYS F 95 35.75 -4.85 -33.32
CA LYS F 95 35.57 -5.24 -31.93
C LYS F 95 36.02 -4.08 -31.06
N PHE F 96 36.69 -3.14 -31.70
CA PHE F 96 37.23 -1.99 -31.01
C PHE F 96 36.77 -0.71 -31.72
N ARG F 97 35.83 0.01 -31.10
CA ARG F 97 35.32 1.21 -31.75
C ARG F 97 35.32 2.51 -30.95
N PRO F 98 36.35 3.34 -31.14
CA PRO F 98 36.38 4.60 -30.39
C PRO F 98 35.26 5.46 -30.98
N TYR F 99 34.88 6.52 -30.30
CA TYR F 99 33.84 7.36 -30.87
C TYR F 99 33.91 8.80 -30.38
N VAL F 100 33.20 9.70 -31.06
CA VAL F 100 33.16 11.11 -30.67
C VAL F 100 31.70 11.59 -30.75
N GLY F 101 31.35 12.52 -29.89
CA GLY F 101 29.99 13.00 -29.91
C GLY F 101 29.94 14.44 -29.51
N ALA F 102 28.84 15.11 -29.88
CA ALA F 102 28.61 16.53 -29.60
C ALA F 102 27.12 16.60 -29.28
N GLY F 103 26.73 17.45 -28.34
CA GLY F 103 25.33 17.53 -28.01
C GLY F 103 24.97 18.67 -27.08
N ILE F 104 23.83 18.51 -26.42
CA ILE F 104 23.32 19.50 -25.50
C ILE F 104 23.12 18.88 -24.13
N ASN F 105 23.47 19.66 -23.10
CA ASN F 105 23.31 19.20 -21.73
C ASN F 105 22.34 20.08 -20.97
N TYR F 106 21.63 19.49 -20.02
CA TYR F 106 20.73 20.25 -19.17
C TYR F 106 20.98 19.77 -17.75
N THR F 107 21.26 20.72 -16.87
CA THR F 107 21.56 20.41 -15.48
C THR F 107 20.71 21.18 -14.48
N THR F 108 20.11 20.46 -13.56
CA THR F 108 19.27 21.08 -12.53
C THR F 108 19.83 20.81 -11.15
N PHE F 109 19.97 21.87 -10.37
CA PHE F 109 20.48 21.75 -9.02
C PHE F 109 19.33 21.67 -8.04
N PHE F 110 19.48 20.82 -7.03
CA PHE F 110 18.46 20.70 -6.01
C PHE F 110 19.06 20.13 -4.74
N ASP F 111 18.36 20.37 -3.64
CA ASP F 111 18.81 19.96 -2.32
C ASP F 111 20.14 20.64 -2.05
N ASN F 112 20.11 21.96 -2.04
CA ASN F 112 21.28 22.78 -1.79
C ASN F 112 21.10 23.50 -0.46
N GLY F 113 22.09 23.41 0.40
CA GLY F 113 22.01 24.06 1.68
C GLY F 113 23.38 24.31 2.26
N PHE F 114 23.49 25.35 3.08
CA PHE F 114 24.79 25.64 3.70
C PHE F 114 24.86 24.78 4.96
N ASN F 115 26.06 24.42 5.39
CA ASN F 115 26.24 23.64 6.61
C ASN F 115 26.23 24.53 7.87
N ASP F 116 26.56 23.97 9.02
CA ASP F 116 26.58 24.76 10.25
C ASP F 116 27.56 25.92 10.06
N HIS F 117 28.69 25.62 9.43
CA HIS F 117 29.72 26.61 9.21
C HIS F 117 29.20 27.74 8.32
N GLY F 118 28.48 27.38 7.25
CA GLY F 118 27.92 28.40 6.38
C GLY F 118 26.95 29.28 7.16
N LYS F 119 26.09 28.66 7.96
CA LYS F 119 25.14 29.42 8.75
C LYS F 119 25.87 30.30 9.78
N GLU F 120 26.89 29.75 10.43
CA GLU F 120 27.64 30.51 11.42
C GLU F 120 28.21 31.77 10.79
N ALA F 121 28.44 31.73 9.47
CA ALA F 121 28.98 32.89 8.75
C ALA F 121 27.84 33.80 8.25
N GLY F 122 26.60 33.42 8.49
CA GLY F 122 25.49 34.25 8.05
C GLY F 122 24.83 33.86 6.75
N LEU F 123 25.09 32.65 6.28
CA LEU F 123 24.53 32.17 5.01
C LEU F 123 23.25 31.35 5.15
N SER F 124 22.33 31.59 4.22
CA SER F 124 21.04 30.91 4.16
C SER F 124 20.40 31.10 2.81
N ASP F 125 19.24 30.46 2.63
CA ASP F 125 18.46 30.52 1.39
C ASP F 125 19.30 30.32 0.13
N LEU F 126 19.91 29.14 -0.01
CA LEU F 126 20.74 28.83 -1.17
C LEU F 126 20.01 28.03 -2.25
N SER F 127 20.33 28.34 -3.50
CA SER F 127 19.76 27.63 -4.64
C SER F 127 20.47 28.12 -5.88
N LEU F 128 20.56 27.25 -6.89
CA LEU F 128 21.22 27.59 -8.15
C LEU F 128 20.20 27.42 -9.25
N LYS F 129 20.24 28.26 -10.27
CA LYS F 129 19.28 28.17 -11.35
C LYS F 129 19.76 27.19 -12.41
N ASP F 130 18.80 26.61 -13.12
CA ASP F 130 19.09 25.61 -14.13
C ASP F 130 20.04 26.12 -15.21
N SER F 131 20.63 25.19 -15.95
CA SER F 131 21.60 25.50 -16.99
C SER F 131 21.53 24.60 -18.23
N TRP F 132 21.77 25.19 -19.40
CA TRP F 132 21.80 24.45 -20.68
C TRP F 132 23.17 24.73 -21.30
N GLY F 133 23.72 23.80 -22.08
CA GLY F 133 25.02 24.07 -22.66
C GLY F 133 25.57 23.01 -23.58
N ALA F 134 26.57 23.39 -24.37
CA ALA F 134 27.20 22.48 -25.32
C ALA F 134 27.87 21.34 -24.55
N ALA F 135 28.08 20.21 -25.23
CA ALA F 135 28.71 19.07 -24.61
C ALA F 135 29.46 18.30 -25.70
N GLY F 136 30.64 17.79 -25.34
CA GLY F 136 31.44 17.04 -26.27
C GLY F 136 31.82 15.73 -25.62
N GLN F 137 32.15 14.70 -26.40
CA GLN F 137 32.55 13.43 -25.82
C GLN F 137 33.45 12.62 -26.73
N VAL F 138 34.31 11.82 -26.13
CA VAL F 138 35.18 10.93 -26.88
C VAL F 138 35.18 9.69 -26.00
N GLY F 139 35.02 8.53 -26.62
CA GLY F 139 35.01 7.34 -25.82
C GLY F 139 35.41 6.10 -26.59
N VAL F 140 35.36 4.97 -25.92
CA VAL F 140 35.70 3.74 -26.55
C VAL F 140 34.83 2.59 -26.08
N ASP F 141 34.38 1.81 -27.05
CA ASP F 141 33.60 0.64 -26.78
C ASP F 141 34.43 -0.51 -27.29
N TYR F 142 34.50 -1.56 -26.49
CA TYR F 142 35.20 -2.76 -26.90
C TYR F 142 34.08 -3.79 -26.94
N LEU F 143 33.71 -4.19 -28.14
CA LEU F 143 32.63 -5.15 -28.35
C LEU F 143 33.09 -6.60 -28.23
N ILE F 144 32.86 -7.16 -27.05
CA ILE F 144 33.26 -8.56 -26.75
C ILE F 144 32.46 -9.61 -27.53
N ASN F 145 31.15 -9.51 -27.49
CA ASN F 145 30.26 -10.47 -28.17
C ASN F 145 29.16 -9.67 -28.87
N ARG F 146 28.19 -10.41 -29.39
CA ARG F 146 27.07 -9.79 -30.02
C ARG F 146 26.19 -9.31 -28.86
N ASP F 147 26.61 -9.63 -27.64
CA ASP F 147 25.84 -9.25 -26.46
C ASP F 147 26.46 -8.25 -25.48
N TRP F 148 27.76 -8.36 -25.22
CA TRP F 148 28.42 -7.48 -24.26
C TRP F 148 29.54 -6.60 -24.75
N LEU F 149 29.85 -5.59 -23.94
CA LEU F 149 30.96 -4.69 -24.23
C LEU F 149 31.40 -3.99 -22.94
N VAL F 150 32.62 -3.45 -22.95
CA VAL F 150 33.15 -2.67 -21.82
C VAL F 150 33.37 -1.29 -22.43
N ASN F 151 33.29 -0.24 -21.62
CA ASN F 151 33.39 1.12 -22.16
C ASN F 151 34.17 2.14 -21.32
N MET F 152 34.72 3.13 -22.01
CA MET F 152 35.45 4.25 -21.40
C MET F 152 34.83 5.47 -22.02
N SER F 153 34.82 6.59 -21.31
CA SER F 153 34.22 7.78 -21.87
C SER F 153 34.67 9.04 -21.14
N VAL F 154 34.99 10.08 -21.90
CA VAL F 154 35.40 11.37 -21.35
C VAL F 154 34.47 12.43 -21.89
N TRP F 155 33.78 13.12 -21.00
CA TRP F 155 32.82 14.15 -21.43
C TRP F 155 33.21 15.54 -20.95
N TYR F 156 32.92 16.52 -21.79
CA TYR F 156 33.16 17.91 -21.43
C TYR F 156 31.79 18.57 -21.50
N MET F 157 31.49 19.45 -20.54
CA MET F 157 30.16 20.06 -20.53
C MET F 157 30.11 21.51 -20.08
N ASP F 158 29.43 22.34 -20.86
CA ASP F 158 29.27 23.76 -20.56
C ASP F 158 28.21 23.97 -19.50
N ILE F 159 28.61 24.10 -18.24
CA ILE F 159 27.61 24.30 -17.20
C ILE F 159 27.82 25.58 -16.40
N ASP F 160 27.18 26.64 -16.87
CA ASP F 160 27.23 27.94 -16.22
C ASP F 160 25.93 28.25 -15.52
N THR F 161 26.03 28.72 -14.28
CA THR F 161 24.86 29.05 -13.50
C THR F 161 25.15 30.25 -12.60
N THR F 162 24.22 30.54 -11.71
CA THR F 162 24.37 31.62 -10.76
C THR F 162 23.77 31.14 -9.43
N ALA F 163 24.54 31.28 -8.36
CA ALA F 163 24.09 30.86 -7.04
C ALA F 163 23.36 31.99 -6.34
N ASN F 164 22.23 31.66 -5.73
CA ASN F 164 21.44 32.67 -5.04
C ASN F 164 21.29 32.29 -3.58
N TYR F 165 21.54 33.25 -2.71
CA TYR F 165 21.50 33.03 -1.27
C TYR F 165 21.63 34.37 -0.54
N LYS F 166 21.40 34.39 0.77
CA LYS F 166 21.55 35.65 1.50
C LYS F 166 22.77 35.56 2.42
N LEU F 167 23.44 36.69 2.59
CA LEU F 167 24.61 36.76 3.47
C LEU F 167 24.16 37.69 4.58
N GLY F 168 23.61 37.11 5.65
CA GLY F 168 23.13 37.88 6.78
C GLY F 168 22.08 38.85 6.29
N GLY F 169 22.18 39.24 5.02
CA GLY F 169 21.26 40.20 4.45
C GLY F 169 20.43 39.74 3.28
N ALA F 170 21.01 39.79 2.07
CA ALA F 170 20.32 39.36 0.84
C ALA F 170 21.26 39.24 -0.36
N GLN F 171 22.57 39.24 -0.09
CA GLN F 171 23.56 39.14 -1.17
C GLN F 171 23.31 37.77 -1.80
N GLN F 172 22.34 37.72 -2.70
CA GLN F 172 21.96 36.46 -3.32
C GLN F 172 22.34 36.24 -4.77
N HIS F 173 23.48 36.74 -5.21
CA HIS F 173 23.81 36.50 -6.62
C HIS F 173 25.28 36.42 -7.00
N ASP F 174 25.69 35.22 -7.39
CA ASP F 174 27.06 34.98 -7.83
C ASP F 174 27.02 33.99 -9.00
N SER F 175 27.98 34.10 -9.90
CA SER F 175 28.07 33.20 -11.06
C SER F 175 28.95 31.99 -10.80
N VAL F 176 28.37 30.81 -10.93
CA VAL F 176 29.10 29.57 -10.71
C VAL F 176 29.38 28.92 -12.06
N ARG F 177 30.64 28.52 -12.25
CA ARG F 177 31.05 27.86 -13.47
C ARG F 177 31.64 26.52 -13.12
N LEU F 178 30.92 25.45 -13.45
CA LEU F 178 31.41 24.11 -13.18
C LEU F 178 32.28 23.66 -14.33
N ASP F 179 31.78 23.82 -15.56
CA ASP F 179 32.49 23.39 -16.77
C ASP F 179 33.34 22.16 -16.47
N PRO F 180 32.70 21.10 -15.99
CA PRO F 180 33.35 19.84 -15.62
C PRO F 180 33.64 18.85 -16.74
N TRP F 181 34.58 17.95 -16.47
CA TRP F 181 34.89 16.88 -17.39
C TRP F 181 34.18 15.72 -16.69
N VAL F 182 33.60 14.78 -17.43
CA VAL F 182 32.97 13.66 -16.75
C VAL F 182 33.68 12.39 -17.20
N PHE F 183 34.04 11.54 -16.24
CA PHE F 183 34.74 10.30 -16.60
C PHE F 183 33.87 9.08 -16.31
N MET F 184 33.65 8.26 -17.33
CA MET F 184 32.81 7.08 -17.18
C MET F 184 33.43 5.77 -17.61
N PHE F 185 33.22 4.77 -16.74
CA PHE F 185 33.68 3.40 -16.94
C PHE F 185 32.44 2.54 -16.80
N SER F 186 32.22 1.63 -17.74
CA SER F 186 31.03 0.80 -17.67
C SER F 186 31.11 -0.46 -18.47
N ALA F 187 30.03 -1.23 -18.36
CA ALA F 187 29.83 -2.47 -19.08
C ALA F 187 28.52 -2.15 -19.78
N GLY F 188 28.32 -2.69 -20.98
CA GLY F 188 27.10 -2.43 -21.69
C GLY F 188 26.51 -3.69 -22.28
N TYR F 189 25.19 -3.68 -22.47
CA TYR F 189 24.51 -4.81 -23.06
C TYR F 189 23.91 -4.38 -24.38
N ARG F 190 23.86 -5.29 -25.33
CA ARG F 190 23.33 -4.98 -26.65
C ARG F 190 21.97 -5.63 -26.93
N PHE F 191 21.12 -4.91 -27.64
CA PHE F 191 19.80 -5.43 -28.01
C PHE F 191 19.68 -5.25 -29.52
N HIS F 192 19.55 -6.36 -30.24
CA HIS F 192 19.46 -6.32 -31.69
C HIS F 192 18.04 -6.50 -32.22
C1 GOL G . 5.64 9.67 -34.48
O1 GOL G . 5.55 8.44 -35.17
C2 GOL G . 4.28 10.27 -34.47
O2 GOL G . 3.32 9.39 -33.90
C3 GOL G . 4.34 11.54 -33.72
O3 GOL G . 3.03 12.07 -33.70
C1 GOL H . 6.48 -10.90 -20.47
O1 GOL H . 6.82 -11.28 -21.78
C2 GOL H . 6.82 -12.01 -19.50
O2 GOL H . 8.23 -12.30 -19.55
C3 GOL H . 6.42 -11.53 -18.14
O3 GOL H . 6.71 -12.53 -17.15
C1 GOL I . 2.64 -25.87 2.65
O1 GOL I . 2.61 -27.25 2.94
C2 GOL I . 2.68 -25.74 1.17
O2 GOL I . 1.57 -26.41 0.59
C3 GOL I . 2.67 -24.29 0.84
O3 GOL I . 2.68 -24.19 -0.57
C1 GOL J . -19.04 -35.49 9.68
O1 GOL J . -17.99 -36.25 10.22
C2 GOL J . -20.28 -35.83 10.44
O2 GOL J . -20.10 -35.49 11.81
C3 GOL J . -21.43 -35.08 9.90
O3 GOL J . -22.58 -35.42 10.64
C1 GOL K . -3.22 -26.81 26.55
O1 GOL K . -2.45 -27.90 26.12
C2 GOL K . -2.31 -26.00 27.39
O2 GOL K . -1.19 -25.59 26.63
C3 GOL K . -3.04 -24.85 27.85
O3 GOL K . -2.09 -24.16 28.61
C1 GOL L . 27.07 -1.10 -30.22
O1 GOL L . 26.27 -0.84 -31.39
C2 GOL L . 28.41 -0.40 -30.28
O2 GOL L . 28.23 1.01 -30.34
C3 GOL L . 29.15 -0.73 -29.04
O3 GOL L . 30.41 -0.13 -29.10
#